data_6KO9
#
_entry.id   6KO9
#
_cell.length_a   43.513
_cell.length_b   54.792
_cell.length_c   92.224
_cell.angle_alpha   74.640
_cell.angle_beta   81.940
_cell.angle_gamma   89.980
#
_symmetry.space_group_name_H-M   'P 1'
#
loop_
_entity.id
_entity.type
_entity.pdbx_description
1 polymer 'Putative regulatory protein'
2 non-polymer 4-[(3-chloranyl-4-fluoranyl-phenyl)amino]-7-methoxy-quinazolin-6-ol
3 non-polymer 'SULFATE ION'
4 water water
#
_entity_poly.entity_id   1
_entity_poly.type   'polypeptide(L)'
_entity_poly.pdbx_seq_one_letter_code
;MVARPKSEDKKQALLEAATQAIAQSGIAASTAVIARNAGVAEGTLFRYFATKDELINTLYLHLKQDLCQSMIMELDRSIT
DAKMMTRFIWNSYISWGLNHPARHRAIRQLAVSEKLTKETEQRADDMFPELRDLCHRSVLMVFMSDEYRAFGDGLFLALA
ETTMDFAARDPARAGEYIALGFEAMWRALTREEQ
;
_entity_poly.pdbx_strand_id   A,B,C,D
#
# COMPACT_ATOMS: atom_id res chain seq x y z
N ASP A 9 9.20 -20.90 44.35
CA ASP A 9 8.45 -20.10 43.34
C ASP A 9 9.24 -18.85 42.93
N LYS A 10 10.28 -18.45 43.66
CA LYS A 10 11.12 -17.29 43.29
C LYS A 10 11.89 -17.67 42.01
N LYS A 11 12.42 -18.90 41.97
CA LYS A 11 13.24 -19.46 40.86
C LYS A 11 12.43 -19.49 39.55
N GLN A 12 11.21 -20.04 39.56
CA GLN A 12 10.34 -20.12 38.35
C GLN A 12 9.98 -18.70 37.88
N ALA A 13 9.82 -17.76 38.82
CA ALA A 13 9.50 -16.35 38.50
C ALA A 13 10.68 -15.80 37.73
N LEU A 14 11.90 -16.07 38.22
CA LEU A 14 13.17 -15.52 37.70
C LEU A 14 13.43 -16.10 36.30
N LEU A 15 13.24 -17.41 36.13
CA LEU A 15 13.47 -18.13 34.85
C LEU A 15 12.63 -17.45 33.76
N GLU A 16 11.36 -17.15 34.08
CA GLU A 16 10.38 -16.46 33.21
C GLU A 16 10.86 -15.03 32.91
N ALA A 17 11.36 -14.30 33.92
CA ALA A 17 11.79 -12.89 33.75
C ALA A 17 13.10 -12.84 32.97
N ALA A 18 13.94 -13.88 33.11
CA ALA A 18 15.22 -14.00 32.39
C ALA A 18 14.90 -14.20 30.92
N THR A 19 13.87 -15.03 30.65
CA THR A 19 13.31 -15.31 29.30
C THR A 19 12.94 -13.97 28.62
N GLN A 20 12.14 -13.14 29.29
CA GLN A 20 11.67 -11.86 28.68
C GLN A 20 12.88 -10.92 28.49
N ALA A 21 13.81 -10.78 29.46
CA ALA A 21 14.98 -9.88 29.27
C ALA A 21 15.88 -10.36 28.12
N ILE A 22 16.21 -11.65 28.06
CA ILE A 22 17.20 -12.15 27.08
C ILE A 22 16.59 -12.13 25.67
N ALA A 23 15.27 -12.35 25.52
CA ALA A 23 14.52 -12.18 24.25
C ALA A 23 14.66 -10.74 23.72
N GLN A 24 14.58 -9.76 24.61
CA GLN A 24 14.56 -8.30 24.25
C GLN A 24 15.99 -7.83 23.99
N SER A 25 16.96 -8.30 24.76
CA SER A 25 18.29 -7.66 24.92
C SER A 25 19.45 -8.62 24.65
N GLY A 26 19.19 -9.88 24.27
CA GLY A 26 20.23 -10.92 24.13
C GLY A 26 20.86 -11.21 25.50
N ILE A 27 22.01 -11.91 25.54
CA ILE A 27 22.55 -12.42 26.84
C ILE A 27 23.16 -11.26 27.62
N ALA A 28 23.35 -10.09 26.99
CA ALA A 28 23.68 -8.80 27.63
C ALA A 28 22.63 -8.40 28.70
N ALA A 29 21.43 -9.01 28.71
CA ALA A 29 20.32 -8.71 29.63
C ALA A 29 20.81 -8.63 31.08
N SER A 30 20.53 -7.51 31.76
CA SER A 30 21.04 -7.21 33.12
C SER A 30 20.34 -8.05 34.17
N THR A 31 21.09 -8.64 35.11
CA THR A 31 20.56 -9.36 36.32
C THR A 31 19.75 -8.38 37.20
N ALA A 32 20.08 -7.08 37.17
CA ALA A 32 19.35 -6.01 37.87
C ALA A 32 17.89 -5.93 37.35
N VAL A 33 17.72 -5.80 36.02
CA VAL A 33 16.38 -5.82 35.35
C VAL A 33 15.70 -7.16 35.58
N ILE A 34 16.42 -8.28 35.47
CA ILE A 34 15.77 -9.61 35.62
C ILE A 34 15.09 -9.68 36.99
N ALA A 35 15.81 -9.39 38.08
CA ALA A 35 15.28 -9.53 39.46
C ALA A 35 14.04 -8.65 39.65
N ARG A 36 14.12 -7.37 39.27
CA ARG A 36 13.01 -6.39 39.48
C ARG A 36 11.74 -6.92 38.80
N ASN A 37 11.80 -7.22 37.49
CA ASN A 37 10.66 -7.76 36.72
C ASN A 37 10.24 -9.10 37.33
N ALA A 38 11.21 -9.87 37.87
CA ALA A 38 10.95 -11.12 38.60
C ALA A 38 10.25 -10.82 39.94
N GLY A 39 10.35 -9.59 40.43
CA GLY A 39 9.78 -9.13 41.71
C GLY A 39 10.64 -9.46 42.92
N VAL A 40 11.95 -9.73 42.72
CA VAL A 40 12.90 -10.09 43.81
C VAL A 40 14.08 -9.10 43.82
N ALA A 41 14.90 -9.17 44.88
CA ALA A 41 16.18 -8.42 45.01
C ALA A 41 17.23 -9.06 44.10
N GLU A 42 18.06 -8.25 43.45
CA GLU A 42 19.21 -8.74 42.63
C GLU A 42 20.06 -9.70 43.48
N GLY A 43 20.32 -9.34 44.74
CA GLY A 43 20.95 -10.24 45.73
C GLY A 43 20.30 -11.62 45.73
N THR A 44 18.96 -11.69 45.67
CA THR A 44 18.15 -12.93 45.75
C THR A 44 18.35 -13.80 44.50
N LEU A 45 18.34 -13.18 43.32
CA LEU A 45 18.70 -13.87 42.04
C LEU A 45 20.03 -14.61 42.23
N PHE A 46 21.03 -13.91 42.76
CA PHE A 46 22.41 -14.42 42.95
C PHE A 46 22.40 -15.58 43.96
N ARG A 47 21.43 -15.64 44.89
CA ARG A 47 21.33 -16.78 45.87
C ARG A 47 20.88 -18.04 45.10
N TYR A 48 19.85 -17.89 44.26
CA TYR A 48 19.31 -18.95 43.37
C TYR A 48 20.35 -19.33 42.31
N PHE A 49 21.03 -18.34 41.72
CA PHE A 49 22.04 -18.53 40.65
C PHE A 49 23.30 -17.73 41.00
N ALA A 50 24.38 -18.41 41.43
CA ALA A 50 25.60 -17.80 42.00
C ALA A 50 26.26 -16.87 40.97
N THR A 51 26.20 -17.20 39.67
CA THR A 51 26.78 -16.41 38.55
C THR A 51 25.77 -16.28 37.39
N LYS A 52 25.98 -15.30 36.53
CA LYS A 52 25.15 -15.06 35.31
C LYS A 52 25.22 -16.27 34.38
N ASP A 53 26.43 -16.79 34.16
CA ASP A 53 26.65 -18.01 33.34
C ASP A 53 25.72 -19.09 33.87
N GLU A 54 25.60 -19.20 35.19
CA GLU A 54 24.79 -20.23 35.91
C GLU A 54 23.32 -20.10 35.48
N LEU A 55 22.75 -18.89 35.62
CA LEU A 55 21.39 -18.50 35.18
C LEU A 55 21.21 -18.85 33.69
N ILE A 56 22.19 -18.49 32.85
CA ILE A 56 22.15 -18.71 31.37
C ILE A 56 22.00 -20.20 31.09
N ASN A 57 22.86 -21.05 31.65
CA ASN A 57 22.84 -22.54 31.46
C ASN A 57 21.49 -23.12 31.93
N THR A 58 21.00 -22.70 33.09
CA THR A 58 19.76 -23.28 33.69
C THR A 58 18.56 -22.85 32.81
N LEU A 59 18.49 -21.57 32.45
CA LEU A 59 17.40 -21.02 31.58
C LEU A 59 17.39 -21.84 30.28
N TYR A 60 18.59 -22.12 29.75
CA TYR A 60 18.70 -22.77 28.41
C TYR A 60 18.07 -24.16 28.49
N LEU A 61 18.45 -24.94 29.51
CA LEU A 61 17.96 -26.34 29.68
C LEU A 61 16.46 -26.30 29.96
N HIS A 62 16.00 -25.25 30.65
CA HIS A 62 14.57 -25.05 30.98
C HIS A 62 13.75 -24.87 29.68
N LEU A 63 14.10 -23.92 28.81
CA LEU A 63 13.42 -23.68 27.51
C LEU A 63 13.54 -24.90 26.60
N LYS A 64 14.74 -25.48 26.50
CA LYS A 64 15.02 -26.66 25.65
C LYS A 64 14.07 -27.79 26.09
N GLN A 65 13.90 -27.96 27.40
CA GLN A 65 13.08 -29.02 28.03
C GLN A 65 11.61 -28.80 27.68
N ASP A 66 11.09 -27.58 27.85
CA ASP A 66 9.72 -27.18 27.42
C ASP A 66 9.49 -27.45 25.93
N LEU A 67 10.37 -26.95 25.03
CA LEU A 67 10.25 -27.15 23.55
C LEU A 67 10.29 -28.66 23.19
N CYS A 68 11.22 -29.43 23.72
CA CYS A 68 11.36 -30.85 23.34
C CYS A 68 10.10 -31.63 23.72
N GLN A 69 9.49 -31.34 24.88
CA GLN A 69 8.21 -31.97 25.30
C GLN A 69 7.16 -31.69 24.23
N SER A 70 7.09 -30.45 23.73
CA SER A 70 6.12 -30.04 22.71
C SER A 70 6.36 -30.89 21.45
N MET A 71 7.59 -30.93 20.98
CA MET A 71 7.92 -31.68 19.75
C MET A 71 7.61 -33.16 20.00
N ILE A 72 7.85 -33.70 21.19
CA ILE A 72 7.61 -35.16 21.51
C ILE A 72 6.09 -35.45 21.51
N MET A 73 5.30 -34.62 22.17
CA MET A 73 3.82 -34.79 22.26
C MET A 73 3.21 -34.73 20.85
N GLU A 74 3.84 -34.05 19.89
CA GLU A 74 3.22 -33.78 18.58
C GLU A 74 3.74 -34.77 17.59
N LEU A 75 4.81 -35.52 17.91
CA LEU A 75 5.52 -36.38 16.92
C LEU A 75 4.66 -37.61 16.63
N ASP A 76 4.34 -37.81 15.35
CA ASP A 76 3.55 -38.97 14.83
C ASP A 76 4.50 -40.07 14.37
N ARG A 77 4.59 -41.17 15.11
CA ARG A 77 5.64 -42.20 14.92
C ARG A 77 5.20 -43.15 13.79
N SER A 78 4.09 -42.85 13.11
CA SER A 78 3.60 -43.58 11.92
C SER A 78 4.17 -42.95 10.63
N ILE A 79 5.10 -42.01 10.76
CA ILE A 79 5.76 -41.32 9.62
C ILE A 79 7.09 -42.03 9.31
N THR A 80 7.24 -42.56 8.10
CA THR A 80 8.31 -43.54 7.76
C THR A 80 9.38 -42.93 6.83
N ASP A 81 9.10 -41.82 6.12
CA ASP A 81 10.08 -41.12 5.25
C ASP A 81 10.79 -40.07 6.12
N ALA A 82 12.12 -40.12 6.19
CA ALA A 82 12.92 -39.35 7.16
C ALA A 82 12.74 -37.84 6.90
N LYS A 83 12.54 -37.46 5.63
CA LYS A 83 12.37 -36.04 5.24
C LYS A 83 11.03 -35.56 5.80
N MET A 84 9.97 -36.35 5.63
CA MET A 84 8.62 -35.91 6.04
C MET A 84 8.63 -35.78 7.58
N MET A 85 9.34 -36.67 8.25
CA MET A 85 9.42 -36.73 9.74
C MET A 85 10.01 -35.42 10.23
N THR A 86 11.12 -34.97 9.62
CA THR A 86 11.80 -33.70 9.98
C THR A 86 10.90 -32.50 9.65
N ARG A 87 10.22 -32.51 8.51
CA ARG A 87 9.28 -31.40 8.21
C ARG A 87 8.31 -31.25 9.38
N PHE A 88 7.88 -32.37 9.95
CA PHE A 88 6.87 -32.43 11.05
C PHE A 88 7.46 -31.77 12.28
N ILE A 89 8.73 -32.03 12.54
CA ILE A 89 9.43 -31.46 13.72
C ILE A 89 9.58 -29.95 13.50
N TRP A 90 9.92 -29.55 12.28
CA TRP A 90 10.13 -28.13 11.90
C TRP A 90 8.82 -27.38 12.12
N ASN A 91 7.75 -27.97 11.62
CA ASN A 91 6.38 -27.47 11.83
C ASN A 91 6.15 -27.24 13.33
N SER A 92 6.39 -28.24 14.17
CA SER A 92 6.11 -28.13 15.62
C SER A 92 6.97 -27.05 16.26
N TYR A 93 8.27 -27.01 15.96
CA TYR A 93 9.18 -25.91 16.37
C TYR A 93 8.62 -24.55 15.96
N ILE A 94 8.23 -24.39 14.69
CA ILE A 94 7.73 -23.06 14.20
C ILE A 94 6.46 -22.70 14.97
N SER A 95 5.54 -23.65 15.05
CA SER A 95 4.27 -23.58 15.83
C SER A 95 4.58 -23.14 17.26
N TRP A 96 5.51 -23.83 17.91
CA TRP A 96 6.01 -23.46 19.26
C TRP A 96 6.48 -21.99 19.28
N GLY A 97 7.31 -21.56 18.31
CA GLY A 97 7.90 -20.22 18.32
C GLY A 97 6.82 -19.14 18.16
N LEU A 98 5.79 -19.41 17.34
CA LEU A 98 4.69 -18.45 17.06
C LEU A 98 3.79 -18.34 18.30
N ASN A 99 3.58 -19.45 19.01
CA ASN A 99 2.83 -19.51 20.30
C ASN A 99 3.62 -18.83 21.41
N HIS A 100 4.96 -18.90 21.35
CA HIS A 100 5.89 -18.41 22.42
C HIS A 100 7.03 -17.61 21.82
N PRO A 101 6.77 -16.35 21.38
CA PRO A 101 7.79 -15.49 20.77
C PRO A 101 9.04 -15.22 21.61
N ALA A 102 8.89 -15.01 22.91
CA ALA A 102 10.00 -14.62 23.79
C ALA A 102 10.84 -15.88 24.07
N ARG A 103 10.19 -17.02 24.23
CA ARG A 103 10.93 -18.27 24.45
C ARG A 103 11.84 -18.52 23.27
N HIS A 104 11.40 -18.32 22.00
CA HIS A 104 12.23 -18.70 20.83
C HIS A 104 13.36 -17.69 20.68
N ARG A 105 13.05 -16.41 20.80
CA ARG A 105 14.06 -15.34 20.72
C ARG A 105 15.18 -15.67 21.71
N ALA A 106 14.80 -15.90 22.96
CA ALA A 106 15.69 -16.23 24.09
C ALA A 106 16.45 -17.54 23.81
N ILE A 107 15.77 -18.60 23.35
CA ILE A 107 16.44 -19.93 23.19
C ILE A 107 17.52 -19.84 22.10
N ARG A 108 17.25 -19.09 21.03
CA ARG A 108 18.23 -18.79 19.94
C ARG A 108 19.50 -18.11 20.45
N GLN A 109 19.37 -17.01 21.22
CA GLN A 109 20.53 -16.26 21.78
C GLN A 109 21.34 -17.21 22.66
N LEU A 110 20.67 -18.00 23.50
CA LEU A 110 21.32 -18.94 24.47
C LEU A 110 22.07 -20.04 23.72
N ALA A 111 21.41 -20.69 22.74
CA ALA A 111 21.90 -21.88 21.99
C ALA A 111 23.22 -21.56 21.27
N VAL A 112 23.38 -20.33 20.80
CA VAL A 112 24.57 -19.86 20.03
C VAL A 112 25.44 -19.00 20.94
N SER A 113 25.88 -19.52 22.09
CA SER A 113 26.59 -18.73 23.12
C SER A 113 27.78 -19.53 23.67
N GLU A 114 28.91 -18.84 23.76
CA GLU A 114 30.19 -19.37 24.30
C GLU A 114 29.95 -19.86 25.72
N LYS A 115 28.98 -19.26 26.42
CA LYS A 115 28.80 -19.38 27.90
C LYS A 115 28.19 -20.74 28.29
N LEU A 116 27.66 -21.50 27.34
CA LEU A 116 27.04 -22.82 27.65
C LEU A 116 28.17 -23.80 27.97
N THR A 117 28.06 -24.56 29.07
CA THR A 117 29.01 -25.62 29.51
C THR A 117 28.85 -26.86 28.63
N LYS A 118 29.86 -27.74 28.60
CA LYS A 118 29.80 -29.03 27.85
C LYS A 118 28.71 -29.91 28.47
N GLU A 119 28.58 -29.90 29.81
CA GLU A 119 27.61 -30.73 30.55
C GLU A 119 26.18 -30.32 30.17
N THR A 120 25.94 -29.01 29.98
CA THR A 120 24.66 -28.46 29.47
C THR A 120 24.42 -29.02 28.07
N GLU A 121 25.43 -28.99 27.19
CA GLU A 121 25.28 -29.47 25.78
C GLU A 121 24.90 -30.97 25.86
N GLN A 122 25.47 -31.71 26.80
CA GLN A 122 25.18 -33.15 27.00
C GLN A 122 23.70 -33.32 27.36
N ARG A 123 23.23 -32.64 28.40
CA ARG A 123 21.85 -32.86 28.92
C ARG A 123 20.84 -32.46 27.84
N ALA A 124 21.15 -31.40 27.09
CA ALA A 124 20.28 -30.82 26.03
C ALA A 124 20.14 -31.83 24.88
N ASP A 125 21.25 -32.45 24.47
CA ASP A 125 21.29 -33.45 23.37
C ASP A 125 20.36 -34.64 23.65
N ASP A 126 20.23 -35.06 24.91
CA ASP A 126 19.55 -36.31 25.34
C ASP A 126 18.06 -36.06 25.60
N MET A 127 17.59 -34.83 25.50
CA MET A 127 16.16 -34.53 25.76
C MET A 127 15.31 -35.24 24.70
N PHE A 128 15.79 -35.32 23.45
CA PHE A 128 15.16 -36.16 22.40
C PHE A 128 16.21 -37.03 21.71
N PRO A 129 16.42 -38.27 22.23
CA PRO A 129 17.44 -39.19 21.70
C PRO A 129 17.25 -39.50 20.21
N GLU A 130 16.00 -39.61 19.76
CA GLU A 130 15.73 -40.01 18.36
C GLU A 130 15.82 -38.79 17.45
N LEU A 131 15.47 -37.58 17.89
CA LEU A 131 15.68 -36.36 17.06
C LEU A 131 17.18 -36.18 16.88
N ARG A 132 17.94 -36.37 17.95
CA ARG A 132 19.43 -36.39 17.87
C ARG A 132 19.86 -37.42 16.82
N ASP A 133 19.45 -38.67 16.93
CA ASP A 133 19.91 -39.78 16.03
C ASP A 133 19.56 -39.43 14.58
N LEU A 134 18.36 -38.92 14.36
CA LEU A 134 17.86 -38.43 13.04
C LEU A 134 18.90 -37.52 12.38
N CYS A 135 19.35 -36.49 13.10
CA CYS A 135 20.36 -35.50 12.62
C CYS A 135 21.67 -36.22 12.28
N HIS A 136 22.15 -37.11 13.15
CA HIS A 136 23.35 -37.96 12.94
C HIS A 136 23.27 -38.64 11.57
N ARG A 137 22.09 -39.11 11.16
CA ARG A 137 21.89 -39.77 9.84
C ARG A 137 21.84 -38.74 8.71
N SER A 138 21.19 -37.59 8.94
CA SER A 138 20.66 -36.65 7.90
C SER A 138 21.58 -35.44 7.68
N VAL A 139 22.09 -34.86 8.75
CA VAL A 139 22.89 -33.59 8.70
C VAL A 139 24.29 -33.84 8.12
N LEU A 140 24.73 -32.95 7.22
CA LEU A 140 26.14 -32.75 6.80
C LEU A 140 27.11 -32.90 7.98
N MET A 141 28.16 -33.67 7.75
CA MET A 141 29.09 -34.14 8.81
C MET A 141 29.71 -32.92 9.46
N VAL A 142 30.14 -31.94 8.67
CA VAL A 142 30.79 -30.70 9.20
C VAL A 142 29.91 -30.13 10.34
N PHE A 143 28.58 -30.18 10.18
CA PHE A 143 27.62 -29.54 11.13
C PHE A 143 27.41 -30.42 12.40
N MET A 144 27.88 -31.67 12.39
CA MET A 144 27.98 -32.56 13.58
C MET A 144 29.31 -32.38 14.32
N SER A 145 30.25 -31.62 13.75
CA SER A 145 31.67 -31.65 14.20
C SER A 145 31.79 -30.80 15.47
N ASP A 146 32.84 -31.01 16.24
CA ASP A 146 33.10 -30.30 17.52
C ASP A 146 33.16 -28.80 17.25
N GLU A 147 33.89 -28.39 16.19
CA GLU A 147 34.19 -26.98 15.83
C GLU A 147 32.95 -26.25 15.28
N TYR A 148 32.08 -26.92 14.51
CA TYR A 148 31.04 -26.30 13.63
C TYR A 148 29.62 -26.72 14.02
N ARG A 149 29.45 -27.49 15.09
CA ARG A 149 28.11 -27.94 15.56
C ARG A 149 27.32 -26.71 15.97
N ALA A 150 27.92 -25.81 16.75
CA ALA A 150 27.28 -24.57 17.27
C ALA A 150 26.80 -23.69 16.08
N PHE A 151 27.52 -23.72 14.95
CA PHE A 151 27.28 -22.88 13.75
C PHE A 151 26.11 -23.46 12.96
N GLY A 152 26.06 -24.79 12.85
CA GLY A 152 24.93 -25.52 12.26
C GLY A 152 23.63 -25.17 12.93
N ASP A 153 23.59 -25.25 14.25
CA ASP A 153 22.37 -24.90 15.01
C ASP A 153 22.10 -23.40 14.81
N GLY A 154 23.16 -22.63 14.79
CA GLY A 154 23.09 -21.20 14.46
C GLY A 154 22.41 -20.99 13.13
N LEU A 155 22.78 -21.74 12.09
CA LEU A 155 22.20 -21.53 10.73
C LEU A 155 20.74 -21.99 10.78
N PHE A 156 20.46 -23.07 11.51
CA PHE A 156 19.11 -23.64 11.61
C PHE A 156 18.13 -22.67 12.30
N LEU A 157 18.56 -22.09 13.43
CA LEU A 157 17.76 -21.16 14.26
C LEU A 157 17.51 -19.85 13.50
N ALA A 158 18.44 -19.43 12.66
CA ALA A 158 18.30 -18.19 11.85
C ALA A 158 17.25 -18.46 10.78
N LEU A 159 17.32 -19.61 10.15
CA LEU A 159 16.35 -19.94 9.08
C LEU A 159 14.97 -20.09 9.73
N ALA A 160 14.89 -20.67 10.94
CA ALA A 160 13.57 -20.91 11.59
C ALA A 160 12.97 -19.58 12.07
N GLU A 161 13.77 -18.74 12.71
CA GLU A 161 13.30 -17.43 13.25
C GLU A 161 12.86 -16.55 12.08
N THR A 162 13.59 -16.55 10.95
CA THR A 162 13.09 -15.75 9.80
C THR A 162 11.74 -16.31 9.35
N THR A 163 11.61 -17.65 9.19
CA THR A 163 10.34 -18.34 8.87
C THR A 163 9.25 -17.86 9.83
N MET A 164 9.53 -17.80 11.14
CA MET A 164 8.56 -17.41 12.17
C MET A 164 8.18 -15.95 12.01
N ASP A 165 9.15 -15.09 11.68
CA ASP A 165 8.90 -13.64 11.49
C ASP A 165 7.99 -13.39 10.28
N PHE A 166 8.17 -14.12 9.18
CA PHE A 166 7.31 -13.90 7.98
C PHE A 166 5.91 -14.49 8.21
N ALA A 167 5.84 -15.62 8.92
CA ALA A 167 4.54 -16.28 9.20
C ALA A 167 3.69 -15.38 10.10
N ALA A 168 4.34 -14.75 11.09
CA ALA A 168 3.76 -13.84 12.09
C ALA A 168 3.32 -12.54 11.44
N ARG A 169 4.15 -11.94 10.61
CA ARG A 169 3.84 -10.69 9.86
C ARG A 169 2.69 -10.83 8.85
N ASP A 170 2.58 -11.98 8.20
CA ASP A 170 1.73 -12.16 6.98
C ASP A 170 1.03 -13.52 7.06
N PRO A 171 0.16 -13.74 8.08
CA PRO A 171 -0.38 -15.08 8.36
C PRO A 171 -1.16 -15.74 7.20
N ALA A 172 -1.60 -14.93 6.24
CA ALA A 172 -2.19 -15.38 4.95
C ALA A 172 -1.25 -16.38 4.28
N ARG A 173 0.05 -16.12 4.24
CA ARG A 173 1.00 -17.01 3.49
C ARG A 173 1.71 -17.93 4.48
N ALA A 174 1.25 -17.99 5.72
CA ALA A 174 1.99 -18.62 6.82
C ALA A 174 2.50 -19.99 6.36
N GLY A 175 1.62 -20.80 5.76
CA GLY A 175 1.88 -22.18 5.33
C GLY A 175 3.04 -22.26 4.32
N GLU A 176 3.13 -21.35 3.36
CA GLU A 176 4.14 -21.41 2.27
C GLU A 176 5.52 -21.02 2.82
N TYR A 177 5.56 -20.03 3.71
CA TYR A 177 6.77 -19.55 4.41
C TYR A 177 7.38 -20.73 5.17
N ILE A 178 6.54 -21.37 5.97
CA ILE A 178 6.96 -22.56 6.77
C ILE A 178 7.50 -23.59 5.78
N ALA A 179 6.71 -23.92 4.77
CA ALA A 179 7.06 -24.91 3.72
C ALA A 179 8.34 -24.46 3.02
N LEU A 180 8.39 -23.22 2.52
CA LEU A 180 9.63 -22.75 1.80
C LEU A 180 10.84 -22.81 2.75
N GLY A 181 10.67 -22.33 3.98
CA GLY A 181 11.79 -22.24 4.93
C GLY A 181 12.36 -23.62 5.22
N PHE A 182 11.47 -24.62 5.26
CA PHE A 182 11.87 -26.01 5.55
C PHE A 182 12.76 -26.53 4.43
N GLU A 183 12.32 -26.38 3.18
CA GLU A 183 13.08 -26.87 1.99
C GLU A 183 14.43 -26.13 1.91
N ALA A 184 14.47 -24.81 2.16
CA ALA A 184 15.74 -24.05 2.21
C ALA A 184 16.62 -24.62 3.33
N MET A 185 16.05 -24.86 4.50
CA MET A 185 16.84 -25.41 5.64
C MET A 185 17.36 -26.79 5.22
N TRP A 186 16.48 -27.61 4.63
CA TRP A 186 16.80 -29.00 4.20
C TRP A 186 18.01 -28.98 3.23
N ARG A 187 17.99 -28.23 2.13
CA ARG A 187 19.12 -28.16 1.17
C ARG A 187 20.37 -27.56 1.85
N ALA A 188 20.19 -26.69 2.86
CA ALA A 188 21.28 -26.00 3.60
C ALA A 188 22.08 -27.00 4.42
N LEU A 189 21.42 -27.89 5.14
CA LEU A 189 22.05 -28.55 6.31
C LEU A 189 22.36 -30.01 5.99
N THR A 190 21.74 -30.64 4.99
CA THR A 190 21.65 -32.13 4.96
C THR A 190 22.56 -32.74 3.89
N ARG A 191 22.89 -34.02 4.11
CA ARG A 191 23.64 -34.90 3.16
C ARG A 191 22.93 -34.86 1.80
N GLU A 192 23.68 -34.97 0.71
CA GLU A 192 23.06 -35.27 -0.61
C GLU A 192 23.77 -36.48 -1.23
N ASP B 9 24.51 17.54 5.46
CA ASP B 9 25.35 17.44 6.70
C ASP B 9 24.43 17.29 7.91
N LYS B 10 23.51 18.24 8.08
CA LYS B 10 22.43 18.17 9.10
C LYS B 10 21.51 17.01 8.70
N LYS B 11 21.28 16.85 7.39
CA LYS B 11 20.65 15.65 6.78
C LYS B 11 21.56 14.43 7.07
N GLN B 12 22.86 14.56 6.75
CA GLN B 12 23.85 13.45 6.90
C GLN B 12 23.88 13.00 8.35
N ALA B 13 23.85 13.94 9.31
CA ALA B 13 23.91 13.68 10.76
C ALA B 13 22.65 12.92 11.21
N LEU B 14 21.47 13.38 10.78
CA LEU B 14 20.18 12.70 11.02
C LEU B 14 20.23 11.25 10.47
N LEU B 15 20.80 11.00 9.27
CA LEU B 15 20.98 9.64 8.69
C LEU B 15 21.98 8.80 9.51
N GLU B 16 23.04 9.42 10.03
CA GLU B 16 24.02 8.71 10.92
C GLU B 16 23.28 8.28 12.20
N ALA B 17 22.56 9.22 12.83
CA ALA B 17 21.84 9.03 14.11
C ALA B 17 20.74 7.97 13.93
N ALA B 18 20.12 7.96 12.74
CA ALA B 18 19.05 7.01 12.38
C ALA B 18 19.63 5.59 12.23
N THR B 19 20.86 5.46 11.74
CA THR B 19 21.59 4.16 11.61
C THR B 19 21.88 3.62 13.02
N GLN B 20 22.34 4.49 13.91
CA GLN B 20 22.65 4.13 15.31
C GLN B 20 21.35 3.78 16.02
N ALA B 21 20.33 4.64 15.96
CA ALA B 21 19.08 4.40 16.72
C ALA B 21 18.42 3.09 16.25
N ILE B 22 18.29 2.88 14.94
CA ILE B 22 17.54 1.71 14.37
C ILE B 22 18.30 0.41 14.69
N ALA B 23 19.62 0.35 14.53
CA ALA B 23 20.40 -0.90 14.75
C ALA B 23 20.16 -1.38 16.19
N GLN B 24 20.27 -0.45 17.15
CA GLN B 24 20.10 -0.70 18.61
C GLN B 24 18.66 -1.12 18.92
N SER B 25 17.65 -0.31 18.54
CA SER B 25 16.23 -0.49 18.95
C SER B 25 15.29 -0.81 17.76
N GLY B 26 15.83 -1.20 16.59
CA GLY B 26 15.05 -1.56 15.38
C GLY B 26 14.26 -0.39 14.81
N ILE B 27 13.40 -0.62 13.80
CA ILE B 27 12.77 0.47 12.97
C ILE B 27 11.63 1.15 13.73
N ALA B 28 11.21 0.56 14.85
CA ALA B 28 10.30 1.18 15.84
C ALA B 28 11.00 2.34 16.56
N ALA B 29 12.25 2.68 16.17
CA ALA B 29 13.10 3.70 16.83
C ALA B 29 12.47 5.10 16.69
N SER B 30 12.59 5.89 17.76
CA SER B 30 11.91 7.19 17.98
C SER B 30 12.56 8.24 17.07
N THR B 31 11.75 8.97 16.31
CA THR B 31 12.21 10.15 15.54
C THR B 31 12.78 11.20 16.50
N ALA B 32 12.13 11.38 17.66
CA ALA B 32 12.51 12.31 18.76
C ALA B 32 13.93 12.01 19.28
N VAL B 33 14.22 10.75 19.59
CA VAL B 33 15.57 10.25 19.99
C VAL B 33 16.59 10.66 18.92
N ILE B 34 16.32 10.32 17.64
CA ILE B 34 17.22 10.55 16.48
C ILE B 34 17.57 12.04 16.43
N ALA B 35 16.59 12.93 16.54
CA ALA B 35 16.77 14.40 16.53
C ALA B 35 17.75 14.85 17.64
N ARG B 36 17.57 14.40 18.89
CA ARG B 36 18.44 14.80 20.04
C ARG B 36 19.88 14.32 19.77
N ASN B 37 20.02 13.06 19.37
CA ASN B 37 21.29 12.47 18.89
C ASN B 37 21.79 13.26 17.67
N ALA B 38 20.89 13.73 16.81
CA ALA B 38 21.21 14.55 15.63
C ALA B 38 21.65 15.95 16.08
N GLY B 39 21.26 16.38 17.29
CA GLY B 39 21.59 17.71 17.84
C GLY B 39 20.63 18.77 17.31
N VAL B 40 19.40 18.36 16.99
CA VAL B 40 18.30 19.25 16.51
C VAL B 40 16.99 18.93 17.24
N ALA B 41 15.99 19.79 17.06
CA ALA B 41 14.57 19.54 17.42
C ALA B 41 13.97 18.52 16.45
N GLU B 42 12.89 17.84 16.88
CA GLU B 42 12.12 16.88 16.06
C GLU B 42 11.62 17.58 14.79
N GLY B 43 11.13 18.82 14.93
CA GLY B 43 10.66 19.69 13.83
C GLY B 43 11.65 19.80 12.68
N THR B 44 12.95 19.82 12.97
CA THR B 44 14.03 19.76 11.95
C THR B 44 13.99 18.41 11.23
N LEU B 45 13.77 17.31 11.97
CA LEU B 45 13.79 15.95 11.35
C LEU B 45 12.70 15.93 10.30
N PHE B 46 11.52 16.45 10.65
CA PHE B 46 10.31 16.45 9.79
C PHE B 46 10.46 17.48 8.65
N ARG B 47 11.15 18.59 8.87
CA ARG B 47 11.50 19.52 7.76
C ARG B 47 12.34 18.75 6.72
N TYR B 48 13.38 18.04 7.16
CA TYR B 48 14.26 17.22 6.29
C TYR B 48 13.51 15.98 5.78
N PHE B 49 12.67 15.36 6.59
CA PHE B 49 11.95 14.11 6.20
C PHE B 49 10.47 14.31 6.50
N ALA B 50 9.59 14.25 5.48
CA ALA B 50 8.13 14.49 5.65
C ALA B 50 7.54 13.42 6.55
N THR B 51 8.06 12.17 6.49
CA THR B 51 7.60 11.04 7.35
C THR B 51 8.79 10.19 7.86
N LYS B 52 8.59 9.59 9.02
CA LYS B 52 9.41 8.46 9.51
C LYS B 52 9.53 7.42 8.38
N ASP B 53 8.46 7.16 7.63
CA ASP B 53 8.49 6.23 6.47
C ASP B 53 9.48 6.74 5.41
N GLU B 54 9.49 8.06 5.13
CA GLU B 54 10.41 8.71 4.14
C GLU B 54 11.88 8.52 4.60
N LEU B 55 12.15 8.70 5.91
CA LEU B 55 13.50 8.60 6.52
C LEU B 55 14.00 7.14 6.45
N ILE B 56 13.15 6.17 6.78
CA ILE B 56 13.43 4.71 6.61
C ILE B 56 13.81 4.45 5.14
N ASN B 57 12.94 4.77 4.20
CA ASN B 57 13.22 4.56 2.75
C ASN B 57 14.56 5.24 2.36
N THR B 58 14.74 6.53 2.69
CA THR B 58 15.98 7.30 2.38
C THR B 58 17.20 6.62 3.04
N LEU B 59 17.10 6.19 4.29
CA LEU B 59 18.22 5.53 5.02
C LEU B 59 18.63 4.21 4.34
N TYR B 60 17.66 3.43 3.90
CA TYR B 60 17.89 2.10 3.25
C TYR B 60 18.69 2.30 1.96
N LEU B 61 18.34 3.34 1.20
CA LEU B 61 19.07 3.71 -0.05
C LEU B 61 20.48 4.17 0.32
N HIS B 62 20.60 4.95 1.39
CA HIS B 62 21.90 5.42 1.94
C HIS B 62 22.78 4.21 2.25
N LEU B 63 22.29 3.27 3.08
CA LEU B 63 23.10 2.12 3.55
C LEU B 63 23.40 1.20 2.37
N LYS B 64 22.46 0.97 1.45
CA LYS B 64 22.61 0.00 0.34
C LYS B 64 23.66 0.55 -0.63
N GLN B 65 23.64 1.86 -0.86
CA GLN B 65 24.66 2.60 -1.65
C GLN B 65 26.03 2.36 -1.01
N ASP B 66 26.13 2.56 0.30
CA ASP B 66 27.40 2.40 1.05
C ASP B 66 27.90 0.94 0.92
N LEU B 67 27.00 -0.03 1.06
CA LEU B 67 27.30 -1.47 0.88
C LEU B 67 27.68 -1.78 -0.57
N CYS B 68 26.98 -1.29 -1.57
CA CYS B 68 27.29 -1.63 -2.98
C CYS B 68 28.61 -1.02 -3.40
N GLN B 69 28.98 0.16 -2.90
CA GLN B 69 30.29 0.75 -3.24
C GLN B 69 31.34 -0.27 -2.83
N SER B 70 31.23 -0.81 -1.61
CA SER B 70 32.05 -1.95 -1.12
C SER B 70 32.07 -3.05 -2.18
N MET B 71 30.89 -3.59 -2.50
CA MET B 71 30.76 -4.79 -3.36
C MET B 71 31.33 -4.47 -4.75
N ILE B 72 30.94 -3.33 -5.35
CA ILE B 72 31.40 -2.86 -6.71
C ILE B 72 32.93 -2.83 -6.75
N MET B 73 33.51 -2.33 -5.67
CA MET B 73 34.95 -2.06 -5.52
C MET B 73 35.72 -3.40 -5.54
N GLU B 74 35.14 -4.45 -4.96
CA GLU B 74 35.85 -5.73 -4.72
C GLU B 74 35.63 -6.70 -5.88
N LEU B 75 34.72 -6.37 -6.80
CA LEU B 75 34.24 -7.30 -7.85
C LEU B 75 35.29 -7.42 -8.97
N ASP B 76 36.02 -8.55 -9.00
CA ASP B 76 36.95 -8.98 -10.09
C ASP B 76 36.11 -9.39 -11.32
N ARG B 77 36.03 -8.52 -12.33
CA ARG B 77 35.06 -8.62 -13.47
C ARG B 77 35.49 -9.72 -14.46
N SER B 78 36.74 -10.20 -14.39
CA SER B 78 37.21 -11.35 -15.21
C SER B 78 36.33 -12.58 -14.96
N ILE B 79 35.75 -12.73 -13.75
CA ILE B 79 34.94 -13.92 -13.33
C ILE B 79 33.58 -13.83 -14.03
N THR B 80 33.06 -14.96 -14.52
CA THR B 80 31.71 -15.08 -15.13
C THR B 80 30.86 -16.14 -14.40
N ASP B 81 31.47 -17.24 -13.92
CA ASP B 81 30.79 -18.37 -13.22
C ASP B 81 29.91 -17.80 -12.11
N ALA B 82 28.65 -18.24 -12.09
CA ALA B 82 27.56 -17.67 -11.28
C ALA B 82 27.87 -17.87 -9.80
N LYS B 83 28.14 -19.12 -9.43
CA LYS B 83 28.55 -19.57 -8.07
C LYS B 83 29.75 -18.73 -7.61
N MET B 84 30.73 -18.56 -8.50
CA MET B 84 32.01 -17.89 -8.19
C MET B 84 31.72 -16.41 -7.93
N MET B 85 30.94 -15.78 -8.81
CA MET B 85 30.56 -14.35 -8.64
C MET B 85 29.83 -14.14 -7.31
N THR B 86 28.85 -14.98 -6.99
CA THR B 86 28.04 -14.83 -5.76
C THR B 86 28.93 -14.97 -4.54
N ARG B 87 29.86 -15.92 -4.57
CA ARG B 87 30.73 -16.14 -3.40
C ARG B 87 31.47 -14.84 -3.10
N PHE B 88 32.10 -14.26 -4.13
CA PHE B 88 32.78 -12.94 -4.12
C PHE B 88 31.92 -11.87 -3.42
N ILE B 89 30.67 -11.79 -3.82
CA ILE B 89 29.67 -10.82 -3.29
C ILE B 89 29.34 -11.15 -1.83
N TRP B 90 29.25 -12.44 -1.51
CA TRP B 90 29.06 -12.94 -0.12
C TRP B 90 30.18 -12.39 0.72
N ASN B 91 31.40 -12.54 0.23
CA ASN B 91 32.65 -12.20 0.93
C ASN B 91 32.66 -10.69 1.12
N SER B 92 32.40 -9.92 0.08
CA SER B 92 32.18 -8.44 0.24
C SER B 92 31.15 -8.10 1.34
N TYR B 93 29.88 -8.59 1.26
CA TYR B 93 28.83 -8.23 2.25
C TYR B 93 29.26 -8.56 3.69
N ILE B 94 29.82 -9.77 3.93
CA ILE B 94 30.27 -10.20 5.29
C ILE B 94 31.33 -9.21 5.80
N SER B 95 32.36 -8.96 5.01
CA SER B 95 33.50 -8.09 5.41
C SER B 95 32.95 -6.67 5.64
N TRP B 96 32.04 -6.21 4.79
CA TRP B 96 31.36 -4.92 5.04
C TRP B 96 30.74 -4.93 6.45
N GLY B 97 30.25 -6.06 6.92
CA GLY B 97 29.43 -6.12 8.13
C GLY B 97 30.28 -6.21 9.36
N LEU B 98 31.36 -7.01 9.31
CA LEU B 98 32.42 -7.00 10.37
C LEU B 98 32.86 -5.54 10.59
N ASN B 99 33.10 -4.77 9.53
CA ASN B 99 33.66 -3.40 9.65
C ASN B 99 32.63 -2.38 10.12
N HIS B 100 31.36 -2.50 9.73
CA HIS B 100 30.30 -1.54 10.15
C HIS B 100 29.17 -2.32 10.79
N PRO B 101 29.29 -2.72 12.09
CA PRO B 101 28.24 -3.48 12.78
C PRO B 101 26.86 -2.78 12.82
N ALA B 102 26.78 -1.49 13.14
CA ALA B 102 25.50 -0.74 13.15
C ALA B 102 24.89 -0.71 11.74
N ARG B 103 25.70 -0.51 10.70
CA ARG B 103 25.21 -0.37 9.31
C ARG B 103 24.54 -1.68 8.93
N HIS B 104 25.23 -2.79 9.20
CA HIS B 104 24.72 -4.17 8.97
C HIS B 104 23.41 -4.37 9.72
N ARG B 105 23.33 -3.96 11.00
CA ARG B 105 22.17 -4.16 11.92
C ARG B 105 20.95 -3.39 11.41
N ALA B 106 21.08 -2.12 11.05
CA ALA B 106 19.96 -1.31 10.53
C ALA B 106 19.59 -1.84 9.14
N ILE B 107 20.57 -2.14 8.27
CA ILE B 107 20.19 -2.44 6.86
C ILE B 107 19.34 -3.73 6.82
N ARG B 108 19.70 -4.73 7.62
CA ARG B 108 19.02 -6.05 7.66
C ARG B 108 17.57 -5.85 8.11
N GLN B 109 17.37 -5.00 9.11
CA GLN B 109 16.00 -4.63 9.58
C GLN B 109 15.24 -3.89 8.47
N LEU B 110 15.89 -2.97 7.76
CA LEU B 110 15.24 -2.11 6.73
C LEU B 110 14.80 -2.97 5.52
N ALA B 111 15.68 -3.87 5.07
CA ALA B 111 15.54 -4.64 3.81
C ALA B 111 14.28 -5.52 3.83
N VAL B 112 13.97 -6.14 4.98
CA VAL B 112 12.85 -7.13 5.13
C VAL B 112 11.53 -6.37 5.32
N SER B 113 11.58 -5.19 5.98
CA SER B 113 10.44 -4.38 6.51
C SER B 113 9.42 -4.04 5.41
N GLU B 114 8.15 -3.89 5.81
CA GLU B 114 7.01 -3.73 4.86
C GLU B 114 7.05 -2.33 4.22
N LYS B 115 7.56 -1.32 4.97
CA LYS B 115 7.48 0.16 4.71
C LYS B 115 8.43 0.65 3.59
N LEU B 116 9.19 -0.22 2.94
CA LEU B 116 9.95 0.16 1.74
C LEU B 116 8.96 0.40 0.61
N THR B 117 9.12 1.49 -0.15
CA THR B 117 8.35 1.78 -1.39
C THR B 117 8.88 0.89 -2.53
N LYS B 118 8.07 0.66 -3.57
CA LYS B 118 8.48 -0.04 -4.83
C LYS B 118 9.57 0.77 -5.54
N GLU B 119 9.41 2.10 -5.60
CA GLU B 119 10.42 3.04 -6.14
C GLU B 119 11.75 2.82 -5.37
N THR B 120 11.72 2.69 -4.05
CA THR B 120 12.94 2.42 -3.24
C THR B 120 13.61 1.13 -3.73
N GLU B 121 12.81 0.07 -3.83
CA GLU B 121 13.29 -1.31 -4.12
C GLU B 121 13.91 -1.34 -5.52
N GLN B 122 13.26 -0.70 -6.51
CA GLN B 122 13.78 -0.65 -7.92
C GLN B 122 15.18 -0.04 -7.92
N ARG B 123 15.31 1.13 -7.30
CA ARG B 123 16.53 1.98 -7.31
C ARG B 123 17.70 1.22 -6.67
N ALA B 124 17.47 0.49 -5.57
CA ALA B 124 18.48 -0.36 -4.89
C ALA B 124 19.13 -1.30 -5.92
N ASP B 125 18.32 -1.96 -6.75
CA ASP B 125 18.77 -2.96 -7.76
C ASP B 125 19.55 -2.23 -8.88
N ASP B 126 19.18 -0.98 -9.16
CA ASP B 126 19.95 -0.09 -10.07
C ASP B 126 21.37 0.07 -9.53
N MET B 127 21.51 0.11 -8.21
CA MET B 127 22.81 0.41 -7.53
C MET B 127 23.84 -0.66 -7.86
N PHE B 128 23.45 -1.94 -8.01
CA PHE B 128 24.37 -3.02 -8.47
C PHE B 128 23.70 -3.93 -9.51
N PRO B 129 23.57 -3.45 -10.76
CA PRO B 129 22.99 -4.24 -11.85
C PRO B 129 23.51 -5.70 -11.92
N GLU B 130 24.78 -5.92 -11.54
CA GLU B 130 25.48 -7.23 -11.65
C GLU B 130 24.83 -8.26 -10.73
N LEU B 131 24.27 -7.84 -9.60
CA LEU B 131 23.61 -8.77 -8.66
C LEU B 131 22.23 -9.15 -9.24
N ARG B 132 21.43 -8.17 -9.69
CA ARG B 132 20.06 -8.40 -10.24
C ARG B 132 20.10 -9.48 -11.35
N ASP B 133 21.13 -9.44 -12.21
CA ASP B 133 21.36 -10.37 -13.36
C ASP B 133 21.70 -11.76 -12.82
N LEU B 134 22.63 -11.78 -11.85
CA LEU B 134 23.13 -12.98 -11.12
C LEU B 134 21.97 -13.71 -10.43
N CYS B 135 21.07 -12.95 -9.77
CA CYS B 135 19.90 -13.51 -9.08
C CYS B 135 18.92 -14.06 -10.13
N HIS B 136 18.65 -13.32 -11.20
CA HIS B 136 17.85 -13.78 -12.37
C HIS B 136 18.51 -15.02 -12.97
N ARG B 137 19.84 -15.10 -12.93
CA ARG B 137 20.59 -16.27 -13.41
C ARG B 137 20.41 -17.46 -12.43
N SER B 138 20.54 -17.25 -11.13
CA SER B 138 20.91 -18.34 -10.17
C SER B 138 19.77 -18.73 -9.22
N VAL B 139 18.92 -17.81 -8.80
CA VAL B 139 18.01 -18.03 -7.62
C VAL B 139 16.80 -18.87 -8.02
N LEU B 140 16.30 -19.72 -7.12
CA LEU B 140 14.96 -20.37 -7.33
C LEU B 140 13.95 -19.28 -7.67
N MET B 141 13.16 -19.54 -8.70
CA MET B 141 12.17 -18.60 -9.26
C MET B 141 11.21 -18.12 -8.18
N VAL B 142 10.90 -18.94 -7.17
CA VAL B 142 9.89 -18.58 -6.11
C VAL B 142 10.38 -17.35 -5.32
N PHE B 143 11.69 -17.27 -5.07
CA PHE B 143 12.34 -16.19 -4.28
C PHE B 143 12.59 -14.98 -5.18
N MET B 144 12.44 -15.11 -6.50
CA MET B 144 12.50 -13.94 -7.42
C MET B 144 11.11 -13.30 -7.50
N SER B 145 10.05 -14.05 -7.19
CA SER B 145 8.62 -13.62 -7.23
C SER B 145 8.35 -12.46 -6.26
N ASP B 146 7.34 -11.62 -6.55
CA ASP B 146 6.90 -10.48 -5.69
C ASP B 146 6.48 -11.00 -4.32
N GLU B 147 5.78 -12.13 -4.27
CA GLU B 147 5.25 -12.74 -3.03
C GLU B 147 6.39 -13.16 -2.07
N TYR B 148 7.53 -13.67 -2.56
CA TYR B 148 8.58 -14.29 -1.70
C TYR B 148 9.97 -13.73 -1.97
N ARG B 149 10.10 -12.70 -2.81
CA ARG B 149 11.38 -11.95 -2.95
C ARG B 149 11.84 -11.55 -1.53
N ALA B 150 11.01 -10.88 -0.73
CA ALA B 150 11.37 -10.40 0.63
C ALA B 150 11.77 -11.58 1.53
N PHE B 151 11.08 -12.72 1.44
CA PHE B 151 11.39 -13.94 2.23
C PHE B 151 12.81 -14.46 1.95
N GLY B 152 13.20 -14.51 0.67
CA GLY B 152 14.53 -15.03 0.26
C GLY B 152 15.67 -14.13 0.67
N ASP B 153 15.47 -12.82 0.62
CA ASP B 153 16.41 -11.85 1.19
C ASP B 153 16.52 -12.05 2.72
N GLY B 154 15.40 -12.09 3.42
CA GLY B 154 15.34 -12.36 4.86
C GLY B 154 16.09 -13.65 5.18
N LEU B 155 16.00 -14.70 4.35
CA LEU B 155 16.80 -15.97 4.54
C LEU B 155 18.28 -15.71 4.24
N PHE B 156 18.61 -14.93 3.22
CA PHE B 156 20.02 -14.64 2.87
C PHE B 156 20.60 -13.88 4.05
N LEU B 157 19.89 -12.86 4.50
CA LEU B 157 20.37 -11.94 5.56
C LEU B 157 20.53 -12.71 6.89
N ALA B 158 19.58 -13.58 7.27
CA ALA B 158 19.70 -14.43 8.48
C ALA B 158 21.01 -15.24 8.46
N LEU B 159 21.31 -15.90 7.36
CA LEU B 159 22.49 -16.80 7.21
C LEU B 159 23.75 -15.92 7.19
N ALA B 160 23.68 -14.73 6.61
CA ALA B 160 24.86 -13.82 6.51
C ALA B 160 25.19 -13.30 7.92
N GLU B 161 24.13 -12.93 8.67
CA GLU B 161 24.24 -12.32 10.01
C GLU B 161 24.63 -13.39 11.01
N THR B 162 24.11 -14.60 10.91
CA THR B 162 24.66 -15.75 11.68
C THR B 162 26.16 -15.87 11.37
N THR B 163 26.52 -16.05 10.10
CA THR B 163 27.91 -16.22 9.65
C THR B 163 28.79 -15.12 10.25
N MET B 164 28.26 -13.89 10.36
CA MET B 164 28.98 -12.70 10.93
C MET B 164 29.20 -12.89 12.43
N ASP B 165 28.18 -13.31 13.18
CA ASP B 165 28.32 -13.38 14.66
C ASP B 165 29.42 -14.39 14.98
N PHE B 166 29.41 -15.55 14.32
CA PHE B 166 30.41 -16.60 14.56
C PHE B 166 31.80 -16.12 14.16
N ALA B 167 31.91 -15.46 13.00
CA ALA B 167 33.17 -14.85 12.47
C ALA B 167 33.79 -13.90 13.49
N ALA B 168 33.05 -12.94 14.04
CA ALA B 168 33.55 -11.98 15.05
C ALA B 168 34.08 -12.74 16.28
N ARG B 169 33.26 -13.61 16.87
CA ARG B 169 33.58 -14.36 18.12
C ARG B 169 34.87 -15.16 17.96
N ASP B 170 35.17 -15.69 16.76
CA ASP B 170 36.24 -16.69 16.49
C ASP B 170 37.08 -16.29 15.27
N PRO B 171 37.90 -15.23 15.34
CA PRO B 171 38.62 -14.77 14.15
C PRO B 171 39.40 -15.93 13.50
N ALA B 172 39.84 -16.87 14.34
CA ALA B 172 40.62 -18.07 13.94
C ALA B 172 39.91 -18.85 12.82
N ARG B 173 38.60 -19.09 12.95
CA ARG B 173 37.86 -20.01 12.03
C ARG B 173 36.97 -19.21 11.08
N ALA B 174 37.06 -17.88 11.10
CA ALA B 174 36.28 -16.93 10.28
C ALA B 174 36.16 -17.39 8.82
N GLY B 175 37.25 -17.83 8.21
CA GLY B 175 37.25 -18.26 6.80
C GLY B 175 36.35 -19.46 6.60
N GLU B 176 36.34 -20.39 7.57
CA GLU B 176 35.49 -21.60 7.48
C GLU B 176 34.04 -21.15 7.65
N TYR B 177 33.75 -20.27 8.61
CA TYR B 177 32.39 -19.76 8.84
C TYR B 177 31.81 -19.19 7.54
N ILE B 178 32.60 -18.36 6.84
CA ILE B 178 32.24 -17.64 5.57
C ILE B 178 32.05 -18.69 4.45
N ALA B 179 33.02 -19.60 4.31
CA ALA B 179 32.93 -20.72 3.36
C ALA B 179 31.65 -21.52 3.62
N LEU B 180 31.44 -21.95 4.87
CA LEU B 180 30.31 -22.84 5.26
C LEU B 180 28.98 -22.07 5.17
N GLY B 181 28.94 -20.83 5.64
CA GLY B 181 27.78 -19.93 5.51
C GLY B 181 27.34 -19.78 4.06
N PHE B 182 28.27 -19.45 3.16
CA PHE B 182 28.00 -19.24 1.72
C PHE B 182 27.40 -20.50 1.04
N GLU B 183 28.07 -21.64 1.19
CA GLU B 183 27.63 -22.94 0.61
C GLU B 183 26.24 -23.30 1.17
N ALA B 184 25.99 -23.09 2.46
CA ALA B 184 24.65 -23.24 3.05
C ALA B 184 23.67 -22.32 2.29
N MET B 185 23.98 -21.03 2.16
CA MET B 185 23.07 -20.04 1.51
C MET B 185 22.86 -20.40 0.03
N TRP B 186 23.91 -20.86 -0.64
CA TRP B 186 23.83 -21.20 -2.08
C TRP B 186 22.86 -22.36 -2.25
N ARG B 187 23.03 -23.48 -1.54
CA ARG B 187 22.04 -24.59 -1.62
C ARG B 187 20.62 -24.09 -1.27
N ALA B 188 20.46 -23.29 -0.20
CA ALA B 188 19.15 -22.76 0.24
C ALA B 188 18.39 -22.10 -0.93
N LEU B 189 19.04 -21.28 -1.74
CA LEU B 189 18.35 -20.25 -2.57
C LEU B 189 18.51 -20.48 -4.08
N THR B 190 19.28 -21.48 -4.52
CA THR B 190 19.63 -21.58 -5.96
C THR B 190 19.16 -22.91 -6.50
N ARG B 191 19.12 -23.02 -7.84
CA ARG B 191 18.61 -24.23 -8.55
C ARG B 191 19.54 -25.39 -8.21
N GLU B 192 19.01 -26.55 -7.79
CA GLU B 192 19.84 -27.74 -7.42
C GLU B 192 20.45 -28.35 -8.69
N ASP C 9 -42.35 -2.45 -29.82
CA ASP C 9 -41.12 -2.59 -28.97
C ASP C 9 -39.92 -1.87 -29.64
N LYS C 10 -39.95 -1.62 -30.97
CA LYS C 10 -38.78 -1.17 -31.81
C LYS C 10 -38.23 0.20 -31.35
N LYS C 11 -39.07 1.22 -31.37
CA LYS C 11 -38.78 2.56 -30.80
C LYS C 11 -38.34 2.38 -29.33
N GLN C 12 -39.15 1.73 -28.48
CA GLN C 12 -38.81 1.47 -27.06
C GLN C 12 -37.45 0.76 -26.97
N ALA C 13 -37.18 -0.19 -27.87
CA ALA C 13 -35.90 -0.93 -27.89
C ALA C 13 -34.75 0.01 -28.29
N LEU C 14 -34.99 0.97 -29.18
CA LEU C 14 -34.04 2.06 -29.53
C LEU C 14 -33.79 2.99 -28.32
N LEU C 15 -34.84 3.56 -27.75
CA LEU C 15 -34.78 4.43 -26.55
C LEU C 15 -34.02 3.71 -25.43
N GLU C 16 -34.26 2.41 -25.26
CA GLU C 16 -33.56 1.52 -24.30
C GLU C 16 -32.10 1.39 -24.70
N ALA C 17 -31.82 1.12 -25.98
CA ALA C 17 -30.45 0.93 -26.47
C ALA C 17 -29.73 2.29 -26.45
N ALA C 18 -30.46 3.38 -26.71
CA ALA C 18 -29.92 4.77 -26.68
C ALA C 18 -29.46 5.05 -25.24
N THR C 19 -30.33 4.73 -24.27
CA THR C 19 -30.05 4.86 -22.80
C THR C 19 -28.75 4.13 -22.44
N GLN C 20 -28.65 2.85 -22.76
CA GLN C 20 -27.48 2.00 -22.40
C GLN C 20 -26.23 2.53 -23.12
N ALA C 21 -26.30 2.81 -24.42
CA ALA C 21 -25.15 3.29 -25.25
C ALA C 21 -24.68 4.70 -24.82
N ILE C 22 -25.60 5.63 -24.54
CA ILE C 22 -25.19 6.99 -24.05
C ILE C 22 -24.62 6.88 -22.63
N ALA C 23 -25.18 6.01 -21.79
CA ALA C 23 -24.66 5.73 -20.42
C ALA C 23 -23.23 5.23 -20.56
N GLN C 24 -23.02 4.32 -21.51
CA GLN C 24 -21.71 3.66 -21.74
C GLN C 24 -20.69 4.68 -22.27
N SER C 25 -21.02 5.42 -23.33
CA SER C 25 -20.04 6.14 -24.21
C SER C 25 -20.37 7.63 -24.38
N GLY C 26 -21.32 8.19 -23.62
CA GLY C 26 -21.69 9.63 -23.68
C GLY C 26 -22.52 9.94 -24.90
N ILE C 27 -22.80 11.22 -25.16
CA ILE C 27 -23.67 11.67 -26.28
C ILE C 27 -23.01 11.36 -27.64
N ALA C 28 -21.67 11.28 -27.72
CA ALA C 28 -20.97 10.86 -28.96
C ALA C 28 -20.98 9.31 -29.04
N ALA C 29 -22.16 8.72 -28.90
CA ALA C 29 -22.39 7.27 -29.05
C ALA C 29 -23.12 7.07 -30.37
N SER C 30 -22.62 6.17 -31.22
CA SER C 30 -23.06 6.05 -32.61
C SER C 30 -24.50 5.55 -32.68
N THR C 31 -25.28 6.11 -33.61
CA THR C 31 -26.63 5.64 -34.00
C THR C 31 -26.56 4.18 -34.46
N ALA C 32 -25.55 3.82 -35.27
CA ALA C 32 -25.33 2.44 -35.78
C ALA C 32 -25.20 1.44 -34.62
N VAL C 33 -24.36 1.75 -33.62
CA VAL C 33 -24.18 0.90 -32.40
C VAL C 33 -25.54 0.81 -31.69
N ILE C 34 -26.29 1.93 -31.63
CA ILE C 34 -27.63 1.94 -30.98
C ILE C 34 -28.55 1.00 -31.75
N ALA C 35 -28.47 1.02 -33.08
CA ALA C 35 -29.25 0.16 -34.01
C ALA C 35 -28.89 -1.30 -33.75
N ARG C 36 -27.59 -1.61 -33.76
CA ARG C 36 -27.00 -2.98 -33.70
C ARG C 36 -27.26 -3.61 -32.32
N ASN C 37 -27.20 -2.80 -31.24
CA ASN C 37 -27.54 -3.24 -29.85
C ASN C 37 -29.06 -3.39 -29.72
N ALA C 38 -29.87 -2.60 -30.42
CA ALA C 38 -31.34 -2.76 -30.42
C ALA C 38 -31.68 -3.95 -31.34
N GLY C 39 -30.72 -4.42 -32.15
CA GLY C 39 -30.91 -5.45 -33.20
C GLY C 39 -31.92 -5.02 -34.25
N VAL C 40 -31.68 -3.84 -34.84
CA VAL C 40 -32.56 -3.23 -35.89
C VAL C 40 -31.68 -2.51 -36.92
N ALA C 41 -32.28 -2.12 -38.03
CA ALA C 41 -31.62 -1.44 -39.16
C ALA C 41 -31.29 0.00 -38.74
N GLU C 42 -30.09 0.48 -39.03
CA GLU C 42 -29.70 1.89 -38.75
C GLU C 42 -30.64 2.85 -39.53
N GLY C 43 -30.98 2.51 -40.77
CA GLY C 43 -32.05 3.17 -41.55
C GLY C 43 -33.35 3.35 -40.78
N THR C 44 -33.76 2.33 -40.00
CA THR C 44 -35.00 2.30 -39.18
C THR C 44 -34.94 3.32 -38.04
N LEU C 45 -33.78 3.43 -37.38
CA LEU C 45 -33.53 4.44 -36.30
C LEU C 45 -33.82 5.84 -36.87
N PHE C 46 -33.18 6.15 -38.01
CA PHE C 46 -33.33 7.40 -38.77
C PHE C 46 -34.77 7.58 -39.32
N ARG C 47 -35.50 6.50 -39.64
CA ARG C 47 -36.95 6.58 -39.95
C ARG C 47 -37.74 7.01 -38.70
N TYR C 48 -37.42 6.45 -37.51
CA TYR C 48 -38.10 6.75 -36.22
C TYR C 48 -37.69 8.14 -35.70
N PHE C 49 -36.40 8.47 -35.83
CA PHE C 49 -35.82 9.76 -35.37
C PHE C 49 -34.99 10.35 -36.51
N ALA C 50 -35.42 11.48 -37.05
CA ALA C 50 -34.95 12.02 -38.34
C ALA C 50 -33.46 12.38 -38.22
N THR C 51 -33.03 12.82 -37.04
CA THR C 51 -31.61 13.16 -36.74
C THR C 51 -31.22 12.62 -35.35
N LYS C 52 -29.91 12.49 -35.11
CA LYS C 52 -29.30 12.13 -33.82
C LYS C 52 -29.80 13.13 -32.75
N ASP C 53 -29.92 14.41 -33.12
CA ASP C 53 -30.39 15.49 -32.22
C ASP C 53 -31.81 15.17 -31.74
N GLU C 54 -32.69 14.69 -32.63
CA GLU C 54 -34.10 14.45 -32.31
C GLU C 54 -34.20 13.29 -31.31
N LEU C 55 -33.49 12.19 -31.57
CA LEU C 55 -33.37 11.02 -30.65
C LEU C 55 -32.93 11.51 -29.27
N ILE C 56 -31.85 12.31 -29.24
CA ILE C 56 -31.24 12.87 -28.00
C ILE C 56 -32.31 13.64 -27.22
N ASN C 57 -33.07 14.52 -27.88
CA ASN C 57 -34.10 15.36 -27.23
C ASN C 57 -35.22 14.46 -26.70
N THR C 58 -35.62 13.46 -27.49
CA THR C 58 -36.79 12.62 -27.14
C THR C 58 -36.36 11.75 -25.95
N LEU C 59 -35.14 11.21 -25.99
CA LEU C 59 -34.63 10.28 -24.96
C LEU C 59 -34.60 11.05 -23.65
N TYR C 60 -34.11 12.29 -23.71
CA TYR C 60 -33.97 13.15 -22.53
C TYR C 60 -35.34 13.26 -21.86
N LEU C 61 -36.34 13.61 -22.67
CA LEU C 61 -37.70 13.90 -22.13
C LEU C 61 -38.33 12.61 -21.61
N HIS C 62 -38.03 11.47 -22.23
CA HIS C 62 -38.51 10.14 -21.77
C HIS C 62 -37.89 9.85 -20.39
N LEU C 63 -36.57 9.96 -20.24
CA LEU C 63 -35.84 9.68 -18.97
C LEU C 63 -36.29 10.65 -17.87
N LYS C 64 -36.44 11.92 -18.20
CA LYS C 64 -36.88 12.98 -17.26
C LYS C 64 -38.29 12.70 -16.79
N GLN C 65 -39.19 12.35 -17.71
CA GLN C 65 -40.63 12.12 -17.40
C GLN C 65 -40.71 10.99 -16.38
N ASP C 66 -40.11 9.82 -16.68
CA ASP C 66 -40.01 8.68 -15.75
C ASP C 66 -39.49 9.11 -14.36
N LEU C 67 -38.33 9.77 -14.30
CA LEU C 67 -37.70 10.26 -13.03
C LEU C 67 -38.69 11.16 -12.26
N CYS C 68 -39.31 12.12 -12.94
CA CYS C 68 -40.21 13.09 -12.28
C CYS C 68 -41.44 12.39 -11.68
N GLN C 69 -42.03 11.42 -12.41
CA GLN C 69 -43.14 10.56 -11.92
C GLN C 69 -42.76 10.08 -10.51
N SER C 70 -41.58 9.48 -10.38
CA SER C 70 -41.07 8.85 -9.14
C SER C 70 -40.91 9.87 -8.01
N MET C 71 -40.41 11.06 -8.30
CA MET C 71 -40.21 12.09 -7.25
C MET C 71 -41.57 12.64 -6.79
N ILE C 72 -42.54 12.70 -7.69
CA ILE C 72 -43.95 13.07 -7.37
C ILE C 72 -44.61 11.96 -6.53
N MET C 73 -44.46 10.70 -6.99
CA MET C 73 -45.04 9.45 -6.41
C MET C 73 -44.58 9.24 -4.97
N GLU C 74 -43.41 9.74 -4.61
CA GLU C 74 -42.80 9.53 -3.28
C GLU C 74 -43.00 10.78 -2.45
N LEU C 75 -43.21 11.94 -3.09
CA LEU C 75 -43.23 13.26 -2.40
C LEU C 75 -44.35 13.26 -1.36
N ASP C 76 -44.02 13.54 -0.11
CA ASP C 76 -45.02 13.65 0.98
C ASP C 76 -45.20 15.13 1.27
N ARG C 77 -46.44 15.61 1.10
CA ARG C 77 -46.79 17.05 1.11
C ARG C 77 -47.05 17.50 2.55
N SER C 78 -46.95 16.60 3.53
CA SER C 78 -47.05 16.96 4.96
C SER C 78 -45.70 17.49 5.45
N ILE C 79 -44.74 17.77 4.53
CA ILE C 79 -43.43 18.40 4.86
C ILE C 79 -43.51 19.90 4.56
N THR C 80 -43.20 20.73 5.55
CA THR C 80 -43.51 22.17 5.55
C THR C 80 -42.21 23.00 5.64
N ASP C 81 -41.04 22.35 5.70
CA ASP C 81 -39.71 23.03 5.77
C ASP C 81 -39.03 22.93 4.39
N ALA C 82 -38.61 24.05 3.81
CA ALA C 82 -38.03 24.10 2.45
C ALA C 82 -36.84 23.13 2.33
N LYS C 83 -35.97 23.08 3.34
CA LYS C 83 -34.73 22.26 3.30
C LYS C 83 -35.12 20.79 3.42
N MET C 84 -36.10 20.49 4.29
CA MET C 84 -36.61 19.12 4.55
C MET C 84 -37.23 18.59 3.26
N MET C 85 -37.88 19.48 2.52
CA MET C 85 -38.56 19.18 1.24
C MET C 85 -37.50 18.76 0.23
N THR C 86 -36.46 19.57 0.05
CA THR C 86 -35.41 19.28 -0.96
C THR C 86 -34.65 18.00 -0.57
N ARG C 87 -34.35 17.83 0.72
CA ARG C 87 -33.60 16.65 1.19
C ARG C 87 -34.35 15.42 0.75
N PHE C 88 -35.67 15.44 0.92
CA PHE C 88 -36.59 14.33 0.55
C PHE C 88 -36.53 14.16 -0.97
N ILE C 89 -36.58 15.24 -1.74
CA ILE C 89 -36.48 15.11 -3.24
C ILE C 89 -35.10 14.57 -3.60
N TRP C 90 -34.03 15.05 -2.94
CA TRP C 90 -32.63 14.54 -3.13
C TRP C 90 -32.61 13.03 -2.91
N ASN C 91 -33.28 12.55 -1.84
CA ASN C 91 -33.34 11.11 -1.52
C ASN C 91 -33.91 10.36 -2.70
N SER C 92 -34.94 10.90 -3.37
CA SER C 92 -35.71 10.13 -4.37
C SER C 92 -34.87 10.06 -5.65
N TYR C 93 -34.24 11.18 -6.01
CA TYR C 93 -33.30 11.23 -7.14
C TYR C 93 -32.22 10.16 -6.95
N ILE C 94 -31.59 10.12 -5.76
CA ILE C 94 -30.42 9.24 -5.48
C ILE C 94 -30.90 7.81 -5.50
N SER C 95 -32.06 7.59 -4.89
CA SER C 95 -32.74 6.29 -4.82
C SER C 95 -33.08 5.84 -6.25
N TRP C 96 -33.65 6.76 -7.02
CA TRP C 96 -33.90 6.49 -8.45
C TRP C 96 -32.60 6.02 -9.12
N GLY C 97 -31.46 6.68 -8.85
CA GLY C 97 -30.20 6.41 -9.58
C GLY C 97 -29.57 5.08 -9.20
N LEU C 98 -29.60 4.70 -7.92
CA LEU C 98 -29.05 3.43 -7.42
C LEU C 98 -29.83 2.27 -8.05
N ASN C 99 -31.11 2.51 -8.30
CA ASN C 99 -32.04 1.55 -8.92
C ASN C 99 -31.82 1.47 -10.43
N HIS C 100 -31.52 2.61 -11.06
CA HIS C 100 -31.43 2.74 -12.54
C HIS C 100 -30.12 3.43 -12.91
N PRO C 101 -28.98 2.69 -12.85
CA PRO C 101 -27.68 3.31 -12.99
C PRO C 101 -27.49 3.86 -14.41
N ALA C 102 -27.92 3.10 -15.43
CA ALA C 102 -27.79 3.45 -16.87
C ALA C 102 -28.60 4.72 -17.16
N ARG C 103 -29.81 4.78 -16.64
CA ARG C 103 -30.73 5.91 -16.84
C ARG C 103 -30.14 7.17 -16.23
N HIS C 104 -29.55 7.11 -15.03
CA HIS C 104 -28.94 8.30 -14.34
C HIS C 104 -27.73 8.75 -15.14
N ARG C 105 -26.84 7.83 -15.56
CA ARG C 105 -25.62 8.22 -16.30
C ARG C 105 -26.00 8.92 -17.61
N ALA C 106 -26.96 8.37 -18.35
CA ALA C 106 -27.47 8.92 -19.63
C ALA C 106 -28.12 10.31 -19.43
N ILE C 107 -28.99 10.45 -18.44
CA ILE C 107 -29.81 11.67 -18.25
C ILE C 107 -28.86 12.81 -17.84
N ARG C 108 -27.79 12.48 -17.14
CA ARG C 108 -26.73 13.46 -16.76
C ARG C 108 -26.01 13.97 -18.02
N GLN C 109 -25.67 13.09 -18.93
CA GLN C 109 -25.00 13.45 -20.20
C GLN C 109 -25.96 14.31 -21.01
N LEU C 110 -27.24 13.94 -21.03
CA LEU C 110 -28.20 14.63 -21.92
C LEU C 110 -28.45 16.03 -21.39
N ALA C 111 -28.60 16.17 -20.07
CA ALA C 111 -29.12 17.39 -19.41
C ALA C 111 -28.19 18.57 -19.71
N VAL C 112 -26.89 18.30 -19.86
CA VAL C 112 -25.80 19.32 -19.93
C VAL C 112 -25.49 19.68 -21.39
N SER C 113 -25.96 18.87 -22.35
CA SER C 113 -25.70 18.98 -23.79
C SER C 113 -26.11 20.35 -24.34
N GLU C 114 -25.28 20.87 -25.24
CA GLU C 114 -25.60 22.03 -26.13
C GLU C 114 -26.84 21.67 -26.99
N LYS C 115 -27.04 20.39 -27.28
CA LYS C 115 -27.97 19.92 -28.35
C LYS C 115 -29.45 19.98 -27.94
N LEU C 116 -29.78 20.09 -26.65
CA LEU C 116 -31.21 20.17 -26.22
C LEU C 116 -31.79 21.50 -26.72
N THR C 117 -33.00 21.44 -27.30
CA THR C 117 -33.79 22.59 -27.80
C THR C 117 -34.40 23.32 -26.61
N LYS C 118 -34.66 24.63 -26.77
CA LYS C 118 -35.31 25.49 -25.76
C LYS C 118 -36.68 24.90 -25.41
N GLU C 119 -37.40 24.39 -26.42
CA GLU C 119 -38.74 23.76 -26.29
C GLU C 119 -38.64 22.57 -25.33
N THR C 120 -37.59 21.75 -25.49
CA THR C 120 -37.31 20.55 -24.65
C THR C 120 -37.01 21.00 -23.21
N GLU C 121 -36.22 22.05 -23.05
CA GLU C 121 -35.90 22.65 -21.73
C GLU C 121 -37.22 23.02 -21.08
N GLN C 122 -38.07 23.75 -21.81
CA GLN C 122 -39.39 24.18 -21.29
C GLN C 122 -40.22 22.94 -20.87
N ARG C 123 -40.24 21.89 -21.71
CA ARG C 123 -41.03 20.67 -21.46
C ARG C 123 -40.49 19.97 -20.19
N ALA C 124 -39.17 20.01 -19.97
CA ALA C 124 -38.54 19.45 -18.76
C ALA C 124 -38.97 20.23 -17.51
N ASP C 125 -39.07 21.56 -17.59
CA ASP C 125 -39.50 22.47 -16.48
C ASP C 125 -40.83 22.06 -15.87
N ASP C 126 -41.87 21.86 -16.69
CA ASP C 126 -43.28 21.71 -16.24
C ASP C 126 -43.60 20.25 -15.90
N MET C 127 -42.66 19.34 -16.10
CA MET C 127 -42.82 17.96 -15.59
C MET C 127 -42.95 17.99 -14.05
N PHE C 128 -42.34 18.94 -13.34
CA PHE C 128 -42.31 18.99 -11.85
C PHE C 128 -42.50 20.43 -11.37
N PRO C 129 -43.72 21.00 -11.51
CA PRO C 129 -43.96 22.42 -11.25
C PRO C 129 -43.71 22.83 -9.79
N GLU C 130 -43.99 21.94 -8.83
CA GLU C 130 -43.72 22.18 -7.38
C GLU C 130 -42.20 22.31 -7.17
N LEU C 131 -41.44 21.28 -7.57
CA LEU C 131 -39.94 21.27 -7.58
C LEU C 131 -39.41 22.51 -8.32
N ARG C 132 -40.01 22.89 -9.43
CA ARG C 132 -39.56 24.09 -10.18
C ARG C 132 -39.72 25.34 -9.30
N ASP C 133 -40.84 25.52 -8.59
CA ASP C 133 -41.08 26.75 -7.77
C ASP C 133 -40.17 26.75 -6.53
N LEU C 134 -39.89 25.55 -5.98
CA LEU C 134 -38.92 25.36 -4.89
C LEU C 134 -37.59 26.02 -5.25
N CYS C 135 -37.08 25.75 -6.46
CA CYS C 135 -35.78 26.25 -6.98
C CYS C 135 -35.81 27.78 -7.13
N HIS C 136 -36.88 28.33 -7.70
CA HIS C 136 -37.07 29.81 -7.83
C HIS C 136 -36.98 30.45 -6.44
N ARG C 137 -37.38 29.74 -5.37
CA ARG C 137 -37.31 30.25 -3.97
C ARG C 137 -35.88 30.17 -3.44
N SER C 138 -35.18 29.06 -3.62
CA SER C 138 -34.04 28.66 -2.76
C SER C 138 -32.68 28.78 -3.47
N VAL C 139 -32.65 28.76 -4.79
CA VAL C 139 -31.39 28.63 -5.59
C VAL C 139 -30.80 30.02 -5.83
N LEU C 140 -29.46 30.12 -5.71
CA LEU C 140 -28.67 31.29 -6.16
C LEU C 140 -29.20 31.72 -7.52
N MET C 141 -29.38 33.03 -7.64
CA MET C 141 -29.98 33.70 -8.81
C MET C 141 -29.13 33.35 -10.02
N VAL C 142 -27.81 33.45 -9.90
CA VAL C 142 -26.91 33.09 -11.04
C VAL C 142 -27.28 31.68 -11.56
N PHE C 143 -27.60 30.70 -10.72
CA PHE C 143 -27.87 29.30 -11.16
C PHE C 143 -29.32 29.15 -11.66
N MET C 144 -30.09 30.24 -11.68
CA MET C 144 -31.37 30.42 -12.41
C MET C 144 -31.12 31.12 -13.75
N SER C 145 -29.94 31.69 -13.95
CA SER C 145 -29.67 32.60 -15.09
C SER C 145 -29.71 31.78 -16.39
N ASP C 146 -30.21 32.37 -17.48
CA ASP C 146 -30.25 31.71 -18.81
C ASP C 146 -28.82 31.37 -19.19
N GLU C 147 -27.90 32.26 -18.82
CA GLU C 147 -26.43 32.12 -19.01
C GLU C 147 -25.91 30.87 -18.27
N TYR C 148 -26.31 30.65 -17.01
CA TYR C 148 -25.59 29.79 -16.02
C TYR C 148 -26.45 28.66 -15.48
N ARG C 149 -27.74 28.56 -15.85
CA ARG C 149 -28.66 27.57 -15.24
C ARG C 149 -28.22 26.16 -15.64
N ALA C 150 -27.74 25.96 -16.88
CA ALA C 150 -27.23 24.67 -17.40
C ALA C 150 -26.06 24.17 -16.52
N PHE C 151 -25.22 25.10 -16.03
CA PHE C 151 -24.01 24.85 -15.22
C PHE C 151 -24.42 24.41 -13.80
N GLY C 152 -25.45 25.05 -13.27
CA GLY C 152 -26.11 24.68 -11.99
C GLY C 152 -26.67 23.28 -12.00
N ASP C 153 -27.43 22.92 -13.04
CA ASP C 153 -27.85 21.51 -13.25
C ASP C 153 -26.59 20.62 -13.28
N GLY C 154 -25.59 21.03 -14.06
CA GLY C 154 -24.28 20.35 -14.17
C GLY C 154 -23.62 20.12 -12.81
N LEU C 155 -23.65 21.13 -11.93
CA LEU C 155 -23.02 21.05 -10.57
C LEU C 155 -23.87 20.10 -9.72
N PHE C 156 -25.19 20.19 -9.83
CA PHE C 156 -26.14 19.35 -9.07
C PHE C 156 -25.98 17.87 -9.45
N LEU C 157 -26.00 17.55 -10.72
CA LEU C 157 -25.89 16.14 -11.23
C LEU C 157 -24.53 15.56 -10.89
N ALA C 158 -23.44 16.32 -11.02
CA ALA C 158 -22.07 15.90 -10.60
C ALA C 158 -22.03 15.51 -9.11
N LEU C 159 -22.56 16.34 -8.22
CA LEU C 159 -22.63 15.94 -6.79
C LEU C 159 -23.52 14.72 -6.60
N ALA C 160 -24.64 14.61 -7.31
CA ALA C 160 -25.60 13.54 -7.09
C ALA C 160 -24.98 12.22 -7.56
N GLU C 161 -24.29 12.31 -8.69
CA GLU C 161 -23.61 11.19 -9.36
C GLU C 161 -22.44 10.76 -8.48
N THR C 162 -21.70 11.70 -7.88
CA THR C 162 -20.65 11.27 -6.90
C THR C 162 -21.32 10.60 -5.67
N THR C 163 -22.35 11.23 -5.12
CA THR C 163 -23.12 10.62 -4.01
C THR C 163 -23.55 9.19 -4.38
N MET C 164 -24.12 8.99 -5.58
CA MET C 164 -24.66 7.67 -6.04
C MET C 164 -23.54 6.63 -6.12
N ASP C 165 -22.36 7.04 -6.63
CA ASP C 165 -21.23 6.11 -6.88
C ASP C 165 -20.67 5.60 -5.56
N PHE C 166 -20.67 6.44 -4.53
CA PHE C 166 -20.11 6.07 -3.20
C PHE C 166 -21.09 5.21 -2.44
N ALA C 167 -22.38 5.53 -2.56
CA ALA C 167 -23.45 4.79 -1.89
C ALA C 167 -23.44 3.37 -2.46
N ALA C 168 -23.26 3.24 -3.78
CA ALA C 168 -23.26 1.93 -4.48
C ALA C 168 -21.97 1.16 -4.12
N ARG C 169 -20.84 1.84 -3.99
CA ARG C 169 -19.56 1.19 -3.66
C ARG C 169 -19.61 0.69 -2.24
N ASP C 170 -19.96 1.57 -1.31
CA ASP C 170 -19.76 1.34 0.14
C ASP C 170 -21.13 1.41 0.82
N PRO C 171 -22.06 0.44 0.60
CA PRO C 171 -23.46 0.65 0.94
C PRO C 171 -23.67 0.67 2.46
N ALA C 172 -22.73 0.09 3.21
CA ALA C 172 -22.71 0.15 4.69
C ALA C 172 -22.88 1.63 5.11
N ARG C 173 -22.32 2.57 4.36
CA ARG C 173 -22.29 4.02 4.73
C ARG C 173 -23.23 4.80 3.81
N ALA C 174 -24.12 4.12 3.07
CA ALA C 174 -24.95 4.73 2.03
C ALA C 174 -25.64 5.99 2.57
N GLY C 175 -26.22 5.87 3.77
CA GLY C 175 -26.98 6.92 4.46
C GLY C 175 -26.12 8.14 4.74
N GLU C 176 -24.88 7.94 5.18
CA GLU C 176 -23.97 9.09 5.45
C GLU C 176 -23.61 9.78 4.12
N TYR C 177 -23.15 9.04 3.11
CA TYR C 177 -22.84 9.65 1.78
C TYR C 177 -24.02 10.49 1.25
N ILE C 178 -25.26 9.95 1.30
CA ILE C 178 -26.46 10.64 0.76
C ILE C 178 -26.66 11.93 1.56
N ALA C 179 -26.50 11.86 2.90
CA ALA C 179 -26.69 12.98 3.82
C ALA C 179 -25.63 14.06 3.60
N LEU C 180 -24.37 13.67 3.67
CA LEU C 180 -23.24 14.58 3.38
C LEU C 180 -23.42 15.23 2.01
N GLY C 181 -23.72 14.43 0.99
CA GLY C 181 -23.81 14.91 -0.40
C GLY C 181 -24.91 15.94 -0.50
N PHE C 182 -26.01 15.73 0.24
CA PHE C 182 -27.14 16.69 0.26
C PHE C 182 -26.72 18.02 0.86
N GLU C 183 -26.01 17.98 1.99
CA GLU C 183 -25.55 19.22 2.65
C GLU C 183 -24.52 19.92 1.76
N ALA C 184 -23.58 19.19 1.16
CA ALA C 184 -22.60 19.81 0.22
C ALA C 184 -23.37 20.46 -0.93
N MET C 185 -24.47 19.85 -1.37
CA MET C 185 -25.21 20.36 -2.55
C MET C 185 -25.91 21.66 -2.14
N TRP C 186 -26.51 21.65 -0.96
CA TRP C 186 -27.33 22.76 -0.43
C TRP C 186 -26.43 23.98 -0.25
N ARG C 187 -25.29 23.81 0.42
CA ARG C 187 -24.30 24.92 0.58
C ARG C 187 -23.83 25.42 -0.81
N ALA C 188 -23.64 24.50 -1.78
CA ALA C 188 -23.20 24.80 -3.17
C ALA C 188 -24.16 25.74 -3.91
N LEU C 189 -25.46 25.44 -3.89
CA LEU C 189 -26.41 25.94 -4.93
C LEU C 189 -27.38 26.98 -4.39
N THR C 190 -27.49 27.17 -3.07
CA THR C 190 -28.64 27.87 -2.44
C THR C 190 -28.17 29.08 -1.63
N ARG C 191 -29.10 29.98 -1.34
CA ARG C 191 -28.81 31.35 -0.83
C ARG C 191 -28.53 31.29 0.66
N GLU C 192 -27.82 32.31 1.17
CA GLU C 192 -27.50 32.52 2.61
C GLU C 192 -28.81 32.57 3.40
N ASP D 9 11.64 4.42 -18.10
CA ASP D 9 11.76 4.53 -19.59
C ASP D 9 10.67 3.68 -20.25
N LYS D 10 10.82 2.35 -20.24
CA LYS D 10 9.73 1.41 -20.65
C LYS D 10 8.56 1.62 -19.67
N LYS D 11 8.88 1.80 -18.38
CA LYS D 11 7.93 2.20 -17.30
C LYS D 11 7.18 3.47 -17.72
N GLN D 12 7.89 4.48 -18.24
CA GLN D 12 7.31 5.79 -18.63
C GLN D 12 6.27 5.56 -19.74
N ALA D 13 6.62 4.73 -20.72
CA ALA D 13 5.74 4.34 -21.85
C ALA D 13 4.53 3.53 -21.34
N LEU D 14 4.71 2.70 -20.31
CA LEU D 14 3.62 1.90 -19.68
C LEU D 14 2.72 2.86 -18.88
N LEU D 15 3.31 3.81 -18.17
CA LEU D 15 2.59 4.83 -17.34
C LEU D 15 1.74 5.75 -18.23
N GLU D 16 2.27 6.13 -19.40
CA GLU D 16 1.57 6.99 -20.39
C GLU D 16 0.38 6.24 -21.01
N ALA D 17 0.61 5.01 -21.43
CA ALA D 17 -0.42 4.15 -22.07
C ALA D 17 -1.53 3.88 -21.05
N ALA D 18 -1.16 3.62 -19.80
CA ALA D 18 -2.14 3.45 -18.69
C ALA D 18 -2.98 4.74 -18.52
N THR D 19 -2.39 5.93 -18.68
CA THR D 19 -3.13 7.23 -18.57
C THR D 19 -4.19 7.30 -19.67
N GLN D 20 -3.82 6.94 -20.90
CA GLN D 20 -4.73 6.96 -22.07
C GLN D 20 -5.85 5.91 -21.92
N ALA D 21 -5.50 4.65 -21.65
CA ALA D 21 -6.48 3.54 -21.54
C ALA D 21 -7.48 3.81 -20.41
N ILE D 22 -7.04 4.26 -19.22
CA ILE D 22 -7.92 4.51 -18.02
C ILE D 22 -8.81 5.74 -18.26
N ALA D 23 -8.27 6.80 -18.87
CA ALA D 23 -9.08 7.98 -19.31
C ALA D 23 -10.18 7.53 -20.27
N GLN D 24 -9.88 6.57 -21.14
CA GLN D 24 -10.79 6.07 -22.20
C GLN D 24 -11.85 5.13 -21.59
N SER D 25 -11.40 4.10 -20.87
CA SER D 25 -12.19 2.90 -20.50
C SER D 25 -12.37 2.79 -18.97
N GLY D 26 -11.81 3.73 -18.20
CA GLY D 26 -11.87 3.75 -16.72
C GLY D 26 -10.90 2.75 -16.14
N ILE D 27 -10.87 2.61 -14.82
CA ILE D 27 -9.83 1.80 -14.14
C ILE D 27 -10.02 0.31 -14.48
N ALA D 28 -11.18 -0.08 -15.02
CA ALA D 28 -11.49 -1.47 -15.45
C ALA D 28 -10.66 -1.85 -16.69
N ALA D 29 -9.94 -0.89 -17.29
CA ALA D 29 -9.11 -1.11 -18.48
C ALA D 29 -8.14 -2.27 -18.22
N SER D 30 -7.90 -3.11 -19.23
CA SER D 30 -7.13 -4.37 -19.13
C SER D 30 -5.64 -4.07 -19.23
N THR D 31 -4.84 -4.79 -18.44
CA THR D 31 -3.36 -4.75 -18.48
C THR D 31 -2.88 -5.21 -19.86
N ALA D 32 -3.55 -6.16 -20.49
CA ALA D 32 -3.21 -6.64 -21.86
C ALA D 32 -3.26 -5.46 -22.83
N VAL D 33 -4.37 -4.72 -22.79
CA VAL D 33 -4.56 -3.52 -23.66
C VAL D 33 -3.50 -2.46 -23.32
N ILE D 34 -3.27 -2.20 -22.03
CA ILE D 34 -2.30 -1.17 -21.54
C ILE D 34 -0.90 -1.50 -22.07
N ALA D 35 -0.53 -2.79 -22.06
CA ALA D 35 0.75 -3.33 -22.57
C ALA D 35 0.88 -3.05 -24.07
N ARG D 36 -0.19 -3.29 -24.82
CA ARG D 36 -0.18 -3.28 -26.31
C ARG D 36 -0.11 -1.82 -26.80
N ASN D 37 -0.86 -0.92 -26.16
CA ASN D 37 -0.87 0.54 -26.48
C ASN D 37 0.47 1.17 -26.07
N ALA D 38 1.26 0.48 -25.25
CA ALA D 38 2.64 0.88 -24.89
C ALA D 38 3.68 0.17 -25.76
N GLY D 39 3.25 -0.58 -26.78
CA GLY D 39 4.11 -1.39 -27.67
C GLY D 39 5.05 -2.30 -26.89
N VAL D 40 4.49 -3.17 -26.05
CA VAL D 40 5.22 -4.15 -25.18
C VAL D 40 4.32 -5.38 -24.96
N ALA D 41 4.89 -6.49 -24.46
CA ALA D 41 4.17 -7.68 -23.95
C ALA D 41 3.64 -7.40 -22.54
N GLU D 42 2.46 -7.93 -22.20
CA GLU D 42 1.83 -7.79 -20.86
C GLU D 42 2.82 -8.27 -19.80
N GLY D 43 3.65 -9.27 -20.14
CA GLY D 43 4.70 -9.83 -19.27
C GLY D 43 5.63 -8.78 -18.70
N THR D 44 6.22 -7.95 -19.56
CA THR D 44 7.13 -6.82 -19.22
C THR D 44 6.42 -5.81 -18.29
N LEU D 45 5.17 -5.45 -18.56
CA LEU D 45 4.32 -4.62 -17.66
C LEU D 45 4.41 -5.19 -16.23
N PHE D 46 4.32 -6.51 -16.08
CA PHE D 46 4.27 -7.16 -14.74
C PHE D 46 5.67 -7.21 -14.13
N ARG D 47 6.70 -6.99 -14.94
CA ARG D 47 8.11 -6.80 -14.44
C ARG D 47 8.22 -5.43 -13.77
N TYR D 48 7.58 -4.38 -14.32
CA TYR D 48 7.56 -3.00 -13.76
C TYR D 48 6.55 -2.87 -12.61
N PHE D 49 5.42 -3.58 -12.68
CA PHE D 49 4.39 -3.62 -11.61
C PHE D 49 3.97 -5.07 -11.38
N ALA D 50 4.09 -5.57 -10.15
CA ALA D 50 3.65 -6.92 -9.71
C ALA D 50 2.14 -7.09 -9.97
N THR D 51 1.35 -6.03 -9.77
CA THR D 51 -0.14 -6.08 -9.74
C THR D 51 -0.70 -4.82 -10.40
N LYS D 52 -1.93 -4.91 -10.90
CA LYS D 52 -2.69 -3.76 -11.44
C LYS D 52 -2.81 -2.74 -10.30
N ASP D 53 -3.05 -3.23 -9.07
CA ASP D 53 -3.21 -2.38 -7.86
C ASP D 53 -1.97 -1.52 -7.70
N GLU D 54 -0.79 -2.13 -7.91
CA GLU D 54 0.52 -1.43 -7.85
C GLU D 54 0.60 -0.39 -8.98
N LEU D 55 0.15 -0.76 -10.18
CA LEU D 55 0.12 0.13 -11.37
C LEU D 55 -0.75 1.35 -11.03
N ILE D 56 -1.91 1.13 -10.40
CA ILE D 56 -2.92 2.17 -10.05
C ILE D 56 -2.32 3.17 -9.04
N ASN D 57 -1.67 2.65 -8.00
CA ASN D 57 -0.96 3.45 -6.96
C ASN D 57 0.18 4.24 -7.62
N THR D 58 1.00 3.59 -8.42
CA THR D 58 2.14 4.22 -9.13
C THR D 58 1.68 5.33 -10.09
N LEU D 59 0.72 5.01 -10.96
CA LEU D 59 0.20 6.00 -11.93
C LEU D 59 -0.39 7.20 -11.20
N TYR D 60 -1.10 6.94 -10.11
CA TYR D 60 -1.77 7.97 -9.30
C TYR D 60 -0.69 8.95 -8.81
N LEU D 61 0.41 8.43 -8.26
CA LEU D 61 1.49 9.29 -7.68
C LEU D 61 2.20 10.02 -8.80
N HIS D 62 2.35 9.40 -9.97
CA HIS D 62 2.91 10.02 -11.20
C HIS D 62 2.05 11.23 -11.64
N LEU D 63 0.73 11.06 -11.78
CA LEU D 63 -0.17 12.14 -12.24
C LEU D 63 -0.31 13.19 -11.14
N LYS D 64 -0.35 12.79 -9.88
CA LYS D 64 -0.47 13.77 -8.78
C LYS D 64 0.77 14.65 -8.79
N GLN D 65 1.93 14.01 -8.92
CA GLN D 65 3.26 14.67 -8.92
C GLN D 65 3.28 15.64 -10.09
N ASP D 66 2.75 15.22 -11.25
CA ASP D 66 2.78 16.01 -12.49
C ASP D 66 1.83 17.20 -12.32
N LEU D 67 0.68 16.97 -11.68
CA LEU D 67 -0.32 18.02 -11.36
C LEU D 67 0.29 19.01 -10.36
N CYS D 68 0.94 18.54 -9.29
CA CYS D 68 1.50 19.42 -8.22
C CYS D 68 2.68 20.24 -8.77
N GLN D 69 3.45 19.70 -9.74
CA GLN D 69 4.54 20.47 -10.42
C GLN D 69 3.93 21.76 -10.92
N SER D 70 2.88 21.62 -11.73
CA SER D 70 2.09 22.79 -12.20
C SER D 70 1.61 23.63 -11.00
N MET D 71 0.96 23.04 -10.02
CA MET D 71 0.35 23.82 -8.90
C MET D 71 1.47 24.48 -8.11
N ILE D 72 2.62 23.80 -7.96
CA ILE D 72 3.79 24.32 -7.18
C ILE D 72 4.43 25.52 -7.91
N MET D 73 4.54 25.49 -9.24
CA MET D 73 5.28 26.55 -9.95
C MET D 73 4.35 27.77 -10.23
N GLU D 74 3.06 27.71 -9.91
CA GLU D 74 2.10 28.79 -10.21
C GLU D 74 1.75 29.51 -8.88
N LEU D 75 2.25 28.99 -7.77
CA LEU D 75 1.75 29.46 -6.46
C LEU D 75 2.52 30.71 -6.03
N ASP D 76 1.83 31.85 -6.02
CA ASP D 76 2.29 33.12 -5.40
C ASP D 76 2.19 32.90 -3.89
N ARG D 77 3.33 32.92 -3.22
CA ARG D 77 3.49 32.53 -1.79
C ARG D 77 3.29 33.76 -0.90
N SER D 78 3.12 34.94 -1.52
CA SER D 78 2.75 36.23 -0.87
C SER D 78 1.50 36.04 0.00
N ILE D 79 0.58 35.19 -0.46
CA ILE D 79 -0.81 35.04 0.07
C ILE D 79 -0.75 34.25 1.38
N THR D 80 -1.56 34.63 2.37
CA THR D 80 -1.84 33.78 3.56
C THR D 80 -3.35 33.49 3.64
N ASP D 81 -4.18 34.30 2.98
CA ASP D 81 -5.66 34.11 3.00
C ASP D 81 -5.99 32.75 2.38
N ALA D 82 -6.48 31.82 3.20
CA ALA D 82 -6.68 30.40 2.86
C ALA D 82 -7.60 30.28 1.63
N LYS D 83 -8.67 31.08 1.55
CA LYS D 83 -9.62 31.09 0.42
C LYS D 83 -8.88 31.51 -0.85
N MET D 84 -8.11 32.60 -0.74
CA MET D 84 -7.31 33.11 -1.87
C MET D 84 -6.32 32.03 -2.28
N MET D 85 -5.65 31.40 -1.33
CA MET D 85 -4.65 30.35 -1.67
C MET D 85 -5.36 29.26 -2.46
N THR D 86 -6.50 28.74 -1.96
CA THR D 86 -7.27 27.63 -2.60
C THR D 86 -7.82 28.06 -3.98
N ARG D 87 -8.23 29.32 -4.13
CA ARG D 87 -8.64 29.90 -5.44
C ARG D 87 -7.55 29.66 -6.46
N PHE D 88 -6.26 29.95 -6.15
CA PHE D 88 -5.10 29.84 -7.07
C PHE D 88 -4.84 28.36 -7.39
N ILE D 89 -5.06 27.48 -6.42
CA ILE D 89 -4.81 26.02 -6.56
C ILE D 89 -5.84 25.42 -7.54
N TRP D 90 -7.10 25.79 -7.34
CA TRP D 90 -8.29 25.47 -8.19
C TRP D 90 -8.00 25.89 -9.63
N ASN D 91 -7.50 27.13 -9.81
CA ASN D 91 -7.27 27.74 -11.15
C ASN D 91 -6.24 26.88 -11.85
N SER D 92 -5.17 26.55 -11.13
CA SER D 92 -4.08 25.62 -11.57
C SER D 92 -4.62 24.21 -11.91
N TYR D 93 -5.39 23.54 -11.04
CA TYR D 93 -5.93 22.18 -11.35
C TYR D 93 -6.76 22.25 -12.64
N ILE D 94 -7.64 23.25 -12.72
CA ILE D 94 -8.54 23.46 -13.87
C ILE D 94 -7.68 23.68 -15.12
N SER D 95 -6.74 24.61 -15.09
CA SER D 95 -5.84 24.92 -16.23
C SER D 95 -5.04 23.64 -16.57
N TRP D 96 -4.55 22.93 -15.55
CA TRP D 96 -3.92 21.60 -15.76
C TRP D 96 -4.80 20.68 -16.58
N GLY D 97 -6.06 20.50 -16.13
CA GLY D 97 -7.04 19.58 -16.72
C GLY D 97 -7.41 19.96 -18.15
N LEU D 98 -7.58 21.23 -18.45
CA LEU D 98 -7.96 21.66 -19.82
C LEU D 98 -6.82 21.35 -20.80
N ASN D 99 -5.57 21.56 -20.41
CA ASN D 99 -4.40 21.22 -21.23
C ASN D 99 -4.11 19.70 -21.25
N HIS D 100 -4.41 18.93 -20.19
CA HIS D 100 -4.19 17.44 -20.20
C HIS D 100 -5.51 16.73 -19.91
N PRO D 101 -6.39 16.57 -20.94
CA PRO D 101 -7.67 15.85 -20.82
C PRO D 101 -7.61 14.37 -20.41
N ALA D 102 -6.66 13.61 -20.95
CA ALA D 102 -6.39 12.20 -20.56
C ALA D 102 -6.01 12.16 -19.09
N ARG D 103 -5.06 12.99 -18.71
CA ARG D 103 -4.45 12.98 -17.35
C ARG D 103 -5.53 13.25 -16.29
N HIS D 104 -6.37 14.26 -16.48
CA HIS D 104 -7.42 14.68 -15.51
C HIS D 104 -8.48 13.56 -15.43
N ARG D 105 -8.93 13.04 -16.57
CA ARG D 105 -9.80 11.84 -16.70
C ARG D 105 -9.23 10.69 -15.89
N ALA D 106 -7.94 10.40 -16.02
CA ALA D 106 -7.31 9.24 -15.34
C ALA D 106 -7.25 9.55 -13.84
N ILE D 107 -6.78 10.75 -13.48
CA ILE D 107 -6.48 11.06 -12.04
C ILE D 107 -7.79 11.05 -11.22
N ARG D 108 -8.93 11.41 -11.83
CA ARG D 108 -10.20 11.65 -11.10
C ARG D 108 -10.73 10.27 -10.69
N GLN D 109 -10.57 9.30 -11.58
CA GLN D 109 -10.91 7.87 -11.35
C GLN D 109 -9.96 7.23 -10.33
N LEU D 110 -8.65 7.48 -10.43
CA LEU D 110 -7.63 6.89 -9.52
C LEU D 110 -7.84 7.43 -8.10
N ALA D 111 -8.13 8.73 -7.98
CA ALA D 111 -8.24 9.51 -6.74
C ALA D 111 -9.23 8.87 -5.77
N VAL D 112 -10.36 8.38 -6.31
CA VAL D 112 -11.55 7.91 -5.55
C VAL D 112 -11.58 6.38 -5.62
N SER D 113 -10.48 5.77 -6.07
CA SER D 113 -10.30 4.30 -6.10
C SER D 113 -10.22 3.76 -4.67
N GLU D 114 -10.95 2.70 -4.36
CA GLU D 114 -10.72 1.92 -3.12
C GLU D 114 -9.35 1.18 -3.19
N LYS D 115 -8.66 1.11 -4.35
CA LYS D 115 -7.38 0.35 -4.50
C LYS D 115 -6.18 1.08 -3.88
N LEU D 116 -6.16 2.41 -3.86
CA LEU D 116 -5.01 3.22 -3.35
C LEU D 116 -4.66 2.81 -1.92
N THR D 117 -3.40 2.51 -1.63
CA THR D 117 -2.92 2.09 -0.29
C THR D 117 -2.81 3.33 0.59
N LYS D 118 -2.89 3.13 1.92
CA LYS D 118 -2.65 4.17 2.95
C LYS D 118 -1.32 4.88 2.66
N GLU D 119 -0.29 4.12 2.28
CA GLU D 119 1.05 4.66 1.93
C GLU D 119 0.88 5.72 0.84
N THR D 120 0.27 5.35 -0.28
CA THR D 120 0.11 6.21 -1.48
C THR D 120 -0.52 7.57 -1.08
N GLU D 121 -1.55 7.53 -0.24
CA GLU D 121 -2.34 8.72 0.19
C GLU D 121 -1.45 9.70 0.97
N GLN D 122 -0.59 9.19 1.86
CA GLN D 122 0.35 10.01 2.67
C GLN D 122 1.42 10.63 1.76
N ARG D 123 1.93 9.87 0.77
CA ARG D 123 2.88 10.37 -0.28
C ARG D 123 2.20 11.50 -1.05
N ALA D 124 0.92 11.34 -1.39
CA ALA D 124 0.10 12.29 -2.18
C ALA D 124 -0.10 13.62 -1.42
N ASP D 125 -0.39 13.57 -0.10
CA ASP D 125 -0.45 14.76 0.79
C ASP D 125 0.95 15.42 0.86
N ASP D 126 2.00 14.61 1.06
CA ASP D 126 3.42 15.04 1.14
C ASP D 126 3.81 15.84 -0.12
N MET D 127 3.29 15.43 -1.30
CA MET D 127 3.66 16.02 -2.62
C MET D 127 3.40 17.53 -2.61
N PHE D 128 2.32 17.98 -1.97
CA PHE D 128 2.05 19.43 -1.82
C PHE D 128 1.81 19.75 -0.36
N PRO D 129 2.90 19.93 0.41
CA PRO D 129 2.79 20.19 1.84
C PRO D 129 1.82 21.35 2.15
N GLU D 130 1.79 22.38 1.30
CA GLU D 130 0.97 23.62 1.51
C GLU D 130 -0.53 23.29 1.42
N LEU D 131 -0.92 22.40 0.51
CA LEU D 131 -2.35 22.02 0.27
C LEU D 131 -2.84 21.23 1.48
N ARG D 132 -2.09 20.22 1.92
CA ARG D 132 -2.37 19.40 3.14
C ARG D 132 -2.57 20.31 4.37
N ASP D 133 -1.75 21.35 4.55
CA ASP D 133 -1.81 22.31 5.71
C ASP D 133 -3.07 23.20 5.55
N LEU D 134 -3.33 23.62 4.31
CA LEU D 134 -4.50 24.45 3.91
C LEU D 134 -5.83 23.69 4.14
N CYS D 135 -5.89 22.38 3.84
CA CYS D 135 -7.13 21.60 4.04
C CYS D 135 -7.32 21.32 5.53
N HIS D 136 -6.23 21.12 6.30
CA HIS D 136 -6.30 21.10 7.79
C HIS D 136 -6.82 22.46 8.29
N ARG D 137 -6.59 23.52 7.53
CA ARG D 137 -7.02 24.88 7.94
C ARG D 137 -8.51 25.05 7.70
N SER D 138 -9.07 24.54 6.59
CA SER D 138 -10.35 25.07 6.07
C SER D 138 -11.44 24.01 5.88
N VAL D 139 -11.10 22.74 5.60
CA VAL D 139 -12.11 21.73 5.19
C VAL D 139 -12.96 21.31 6.40
N LEU D 140 -14.27 21.14 6.20
CA LEU D 140 -15.13 20.39 7.16
C LEU D 140 -14.40 19.14 7.62
N MET D 141 -14.35 18.92 8.94
CA MET D 141 -13.47 17.87 9.53
C MET D 141 -13.89 16.49 9.02
N VAL D 142 -15.17 16.32 8.76
CA VAL D 142 -15.74 15.05 8.24
C VAL D 142 -14.95 14.63 7.00
N PHE D 143 -14.57 15.59 6.14
CA PHE D 143 -13.96 15.32 4.81
C PHE D 143 -12.44 15.13 4.96
N MET D 144 -11.91 15.40 6.15
CA MET D 144 -10.49 15.09 6.49
C MET D 144 -10.38 13.70 7.15
N SER D 145 -11.52 13.09 7.53
CA SER D 145 -11.61 11.80 8.24
C SER D 145 -11.17 10.68 7.30
N ASP D 146 -10.78 9.55 7.86
CA ASP D 146 -10.35 8.38 7.06
C ASP D 146 -11.56 7.86 6.29
N GLU D 147 -12.74 7.81 6.92
CA GLU D 147 -13.96 7.26 6.26
C GLU D 147 -14.26 8.13 5.04
N TYR D 148 -14.29 9.47 5.17
CA TYR D 148 -14.96 10.38 4.19
C TYR D 148 -14.00 11.24 3.37
N ARG D 149 -12.68 11.04 3.52
CA ARG D 149 -11.73 11.88 2.76
C ARG D 149 -11.89 11.61 1.27
N ALA D 150 -11.99 10.33 0.83
CA ALA D 150 -12.14 9.96 -0.59
C ALA D 150 -13.43 10.57 -1.14
N PHE D 151 -14.51 10.61 -0.33
CA PHE D 151 -15.82 11.23 -0.70
C PHE D 151 -15.67 12.75 -0.92
N GLY D 152 -14.92 13.43 -0.08
CA GLY D 152 -14.65 14.88 -0.23
C GLY D 152 -13.82 15.15 -1.48
N ASP D 153 -12.85 14.31 -1.81
CA ASP D 153 -12.04 14.51 -3.04
C ASP D 153 -13.00 14.30 -4.25
N GLY D 154 -13.84 13.26 -4.21
CA GLY D 154 -14.87 12.95 -5.21
C GLY D 154 -15.75 14.18 -5.44
N LEU D 155 -16.23 14.84 -4.39
CA LEU D 155 -17.16 16.03 -4.49
C LEU D 155 -16.38 17.17 -5.17
N PHE D 156 -15.13 17.38 -4.76
CA PHE D 156 -14.19 18.39 -5.30
C PHE D 156 -14.01 18.21 -6.83
N LEU D 157 -13.67 17.00 -7.20
CA LEU D 157 -13.29 16.63 -8.59
C LEU D 157 -14.52 16.64 -9.50
N ALA D 158 -15.68 16.16 -9.03
CA ALA D 158 -16.92 16.28 -9.84
C ALA D 158 -17.16 17.74 -10.19
N LEU D 159 -17.07 18.64 -9.21
CA LEU D 159 -17.35 20.10 -9.43
C LEU D 159 -16.23 20.61 -10.33
N ALA D 160 -15.01 20.08 -10.17
CA ALA D 160 -13.82 20.52 -10.92
C ALA D 160 -13.98 20.09 -12.39
N GLU D 161 -14.48 18.88 -12.62
CA GLU D 161 -14.70 18.29 -13.96
C GLU D 161 -15.89 18.95 -14.67
N THR D 162 -16.98 19.19 -13.95
CA THR D 162 -18.09 20.02 -14.47
C THR D 162 -17.52 21.41 -14.84
N THR D 163 -16.81 22.08 -13.97
CA THR D 163 -16.27 23.44 -14.27
C THR D 163 -15.42 23.32 -15.53
N MET D 164 -14.74 22.18 -15.74
CA MET D 164 -13.86 21.93 -16.90
C MET D 164 -14.68 21.76 -18.18
N ASP D 165 -15.79 21.01 -18.11
CA ASP D 165 -16.58 20.65 -19.31
C ASP D 165 -17.18 21.94 -19.88
N PHE D 166 -17.79 22.72 -19.00
CA PHE D 166 -18.38 24.03 -19.31
C PHE D 166 -17.31 25.00 -19.81
N ALA D 167 -16.11 25.01 -19.23
CA ALA D 167 -15.02 25.89 -19.72
C ALA D 167 -14.64 25.56 -21.18
N ALA D 168 -14.32 24.31 -21.50
CA ALA D 168 -13.90 23.85 -22.84
C ALA D 168 -14.95 24.27 -23.89
N ARG D 169 -16.24 24.11 -23.56
CA ARG D 169 -17.38 24.26 -24.52
C ARG D 169 -17.59 25.73 -24.87
N ASP D 170 -17.36 26.61 -23.90
CA ASP D 170 -17.73 28.05 -23.92
C ASP D 170 -16.51 28.88 -23.52
N PRO D 171 -15.42 28.91 -24.32
CA PRO D 171 -14.22 29.66 -23.94
C PRO D 171 -14.55 31.09 -23.50
N ALA D 172 -15.52 31.71 -24.19
CA ALA D 172 -15.95 33.11 -23.91
C ALA D 172 -16.17 33.27 -22.40
N ARG D 173 -16.93 32.36 -21.79
CA ARG D 173 -17.42 32.47 -20.39
C ARG D 173 -16.54 31.63 -19.46
N ALA D 174 -15.40 31.11 -19.92
CA ALA D 174 -14.57 30.18 -19.12
C ALA D 174 -14.22 30.83 -17.76
N GLY D 175 -13.99 32.13 -17.70
CA GLY D 175 -13.60 32.82 -16.46
C GLY D 175 -14.73 32.81 -15.46
N GLU D 176 -15.97 32.89 -15.94
CA GLU D 176 -17.16 32.90 -15.06
C GLU D 176 -17.36 31.51 -14.46
N TYR D 177 -17.33 30.48 -15.30
CA TYR D 177 -17.49 29.08 -14.87
C TYR D 177 -16.53 28.73 -13.72
N ILE D 178 -15.28 29.14 -13.87
CA ILE D 178 -14.16 28.79 -12.94
C ILE D 178 -14.42 29.49 -11.61
N ALA D 179 -14.86 30.75 -11.68
CA ALA D 179 -15.21 31.54 -10.49
C ALA D 179 -16.44 30.93 -9.82
N LEU D 180 -17.42 30.52 -10.64
CA LEU D 180 -18.69 29.99 -10.12
C LEU D 180 -18.42 28.61 -9.50
N GLY D 181 -17.71 27.76 -10.22
CA GLY D 181 -17.27 26.43 -9.78
C GLY D 181 -16.51 26.52 -8.47
N PHE D 182 -15.62 27.48 -8.34
CA PHE D 182 -14.75 27.61 -7.14
C PHE D 182 -15.64 27.83 -5.90
N GLU D 183 -16.50 28.86 -5.93
CA GLU D 183 -17.34 29.30 -4.79
C GLU D 183 -18.29 28.19 -4.40
N ALA D 184 -18.90 27.52 -5.37
CA ALA D 184 -19.74 26.34 -5.11
C ALA D 184 -18.87 25.29 -4.37
N MET D 185 -17.67 25.01 -4.86
CA MET D 185 -16.74 24.04 -4.21
C MET D 185 -16.47 24.54 -2.79
N TRP D 186 -16.19 25.83 -2.62
CA TRP D 186 -15.69 26.38 -1.35
C TRP D 186 -16.78 26.28 -0.28
N ARG D 187 -18.02 26.61 -0.62
CA ARG D 187 -19.22 26.42 0.25
C ARG D 187 -19.39 24.93 0.63
N ALA D 188 -19.37 24.03 -0.36
CA ALA D 188 -19.49 22.57 -0.15
C ALA D 188 -18.49 22.03 0.89
N LEU D 189 -17.23 22.40 0.82
CA LEU D 189 -16.13 21.63 1.47
C LEU D 189 -15.57 22.34 2.71
N THR D 190 -15.84 23.63 2.94
CA THR D 190 -15.13 24.37 4.01
C THR D 190 -16.10 24.74 5.13
N ARG D 191 -15.52 24.99 6.31
CA ARG D 191 -16.25 25.47 7.51
C ARG D 191 -16.83 26.84 7.21
N GLU D 192 -18.09 27.09 7.58
CA GLU D 192 -18.79 28.40 7.49
C GLU D 192 -18.07 29.43 8.35
#